data_2QK4
#
_entry.id   2QK4
#
_cell.length_a   70.280
_cell.length_b   79.810
_cell.length_c   113.870
_cell.angle_alpha   90.00
_cell.angle_beta   104.07
_cell.angle_gamma   90.00
#
_symmetry.space_group_name_H-M   'P 1 21 1'
#
loop_
_entity.id
_entity.type
_entity.pdbx_description
1 polymer 'Trifunctional purine biosynthetic protein adenosine-3'
2 non-polymer 'CHLORIDE ION'
3 non-polymer 'SULFATE ION'
4 non-polymer "ADENOSINE-5'-TRIPHOSPHATE"
5 non-polymer GLYCEROL
6 water water
#
_entity_poly.entity_id   1
_entity_poly.type   'polypeptide(L)'
_entity_poly.pdbx_seq_one_letter_code
;MHHHHHHSSGVDLGTENLYFQSMAARVLIIGSGGREHTLAWKLAQSHHVKQVLVAPGNAGTACSEKISNTAISISDHTAL
AQFCKEKKIEFVVVGPEAPLAAGIVGNLRSAGVQCFGPTAEAAQLESSKRFAKEFMDRHGIPTAQWKAFTKPEEACSFIL
SADFPALVVKASGLAAGKGVIVAKSKEEACKAVQEIMQEKAFGAAGETIVIEELLDGEEVSCLCFTDGKTVAPMPPAQDH
KRLLEGDGGPNTGGMGAYCPAPQVSNDLLLKIKDTVLQRTVDGMQQEGTPYTGILYAGIMLTKNGPKVLEFNCRFGDPEC
QVILPLLKSDLYEVIQSTLDGLLCTSLPVWLENHTALTVVMASKGYPGDYTKGVEITGFPEAQALGLEVFHAGTALKNGK
VVTHGGRVLAVTAIRENLISALEEAKKGLAAIKFEGAIYRKDIGFRAIAFLQ
;
_entity_poly.pdbx_strand_id   A,B
#
# COMPACT_ATOMS: atom_id res chain seq x y z
N SER A 22 -24.08 -3.39 22.94
CA SER A 22 -23.16 -2.34 22.38
C SER A 22 -23.02 -2.41 20.82
N MET A 23 -24.10 -2.07 20.10
CA MET A 23 -24.20 -2.21 18.62
C MET A 23 -23.38 -1.18 17.77
N ALA A 24 -23.28 -1.45 16.47
CA ALA A 24 -22.57 -0.55 15.57
C ALA A 24 -21.07 -0.21 15.92
N ALA A 25 -20.32 -1.18 16.44
CA ALA A 25 -18.89 -1.00 16.61
C ALA A 25 -18.08 -1.16 15.29
N ARG A 26 -16.98 -0.41 15.17
CA ARG A 26 -16.08 -0.57 14.05
C ARG A 26 -14.78 -1.09 14.59
N VAL A 27 -14.24 -2.09 13.91
CA VAL A 27 -13.08 -2.78 14.42
C VAL A 27 -12.03 -2.79 13.33
N LEU A 28 -10.75 -2.77 13.71
CA LEU A 28 -9.66 -2.77 12.73
C LEU A 28 -8.74 -3.96 12.93
N ILE A 29 -8.50 -4.68 11.85
CA ILE A 29 -7.54 -5.74 11.82
C ILE A 29 -6.29 -5.40 11.01
N ILE A 30 -5.12 -5.65 11.60
CA ILE A 30 -3.81 -5.47 10.95
C ILE A 30 -3.30 -6.75 10.23
N GLY A 31 -3.05 -6.69 8.93
CA GLY A 31 -2.50 -7.81 8.18
C GLY A 31 -3.19 -8.01 6.85
N SER A 32 -2.72 -8.99 6.09
CA SER A 32 -3.20 -9.17 4.75
C SER A 32 -3.24 -10.63 4.25
N GLY A 33 -3.19 -11.61 5.15
CA GLY A 33 -3.28 -13.00 4.75
C GLY A 33 -4.58 -13.69 5.22
N GLY A 34 -4.57 -15.04 5.13
CA GLY A 34 -5.75 -15.87 5.43
C GLY A 34 -6.20 -15.76 6.86
N ARG A 35 -5.24 -15.64 7.75
CA ARG A 35 -5.54 -15.39 9.16
C ARG A 35 -6.39 -14.14 9.31
N GLU A 36 -5.99 -13.06 8.64
CA GLU A 36 -6.75 -11.83 8.71
C GLU A 36 -8.15 -11.94 8.04
N HIS A 37 -8.27 -12.61 6.91
CA HIS A 37 -9.58 -12.86 6.41
C HIS A 37 -10.44 -13.57 7.49
N THR A 38 -9.89 -14.61 8.10
CA THR A 38 -10.66 -15.39 9.07
C THR A 38 -11.11 -14.51 10.21
N LEU A 39 -10.19 -13.70 10.75
CA LEU A 39 -10.57 -12.82 11.84
C LEU A 39 -11.70 -11.86 11.38
N ALA A 40 -11.64 -11.40 10.14
CA ALA A 40 -12.58 -10.41 9.66
C ALA A 40 -13.98 -11.05 9.52
N TRP A 41 -14.00 -12.20 8.83
CA TRP A 41 -15.19 -12.98 8.64
C TRP A 41 -15.85 -13.28 9.96
N LYS A 42 -15.04 -13.67 10.93
CA LYS A 42 -15.60 -14.08 12.18
C LYS A 42 -16.20 -12.90 12.96
N LEU A 43 -15.44 -11.80 13.07
CA LEU A 43 -15.92 -10.56 13.69
C LEU A 43 -17.18 -10.00 13.02
N ALA A 44 -17.25 -10.08 11.69
CA ALA A 44 -18.40 -9.57 10.93
C ALA A 44 -19.73 -10.30 11.29
N GLN A 45 -19.61 -11.45 11.95
CA GLN A 45 -20.78 -12.25 12.33
C GLN A 45 -21.39 -11.70 13.60
N SER A 46 -20.62 -10.94 14.36
CA SER A 46 -21.14 -10.40 15.60
C SER A 46 -22.26 -9.40 15.29
N HIS A 47 -23.36 -9.46 16.06
CA HIS A 47 -24.43 -8.49 15.90
C HIS A 47 -23.99 -7.12 16.43
N HIS A 48 -22.94 -7.12 17.26
CA HIS A 48 -22.38 -5.86 17.77
C HIS A 48 -21.58 -5.02 16.75
N VAL A 49 -21.30 -5.60 15.59
CA VAL A 49 -20.29 -4.99 14.72
C VAL A 49 -20.91 -4.44 13.43
N LYS A 50 -20.74 -3.15 13.19
CA LYS A 50 -21.19 -2.68 11.88
C LYS A 50 -20.10 -2.73 10.81
N GLN A 51 -18.84 -2.66 11.23
CA GLN A 51 -17.79 -2.50 10.24
C GLN A 51 -16.49 -3.16 10.67
N VAL A 52 -15.90 -3.94 9.77
CA VAL A 52 -14.54 -4.41 9.98
C VAL A 52 -13.64 -3.87 8.88
N LEU A 53 -12.54 -3.26 9.30
CA LEU A 53 -11.54 -2.73 8.41
C LEU A 53 -10.29 -3.57 8.55
N VAL A 54 -9.68 -3.88 7.43
CA VAL A 54 -8.46 -4.68 7.40
C VAL A 54 -7.34 -3.89 6.74
N ALA A 55 -6.18 -3.85 7.38
CA ALA A 55 -5.07 -3.01 6.95
C ALA A 55 -3.80 -3.83 6.64
N PRO A 56 -3.44 -4.00 5.34
CA PRO A 56 -4.13 -3.55 4.09
C PRO A 56 -5.15 -4.53 3.54
N GLY A 57 -5.24 -5.73 4.09
CA GLY A 57 -6.27 -6.65 3.65
C GLY A 57 -5.90 -7.30 2.32
N ASN A 58 -6.83 -8.04 1.74
CA ASN A 58 -6.62 -8.61 0.42
C ASN A 58 -7.93 -8.62 -0.33
N ALA A 59 -7.99 -9.40 -1.42
CA ALA A 59 -9.17 -9.37 -2.27
C ALA A 59 -10.35 -10.04 -1.58
N GLY A 60 -10.08 -10.93 -0.65
CA GLY A 60 -11.16 -11.56 0.09
C GLY A 60 -11.87 -10.62 1.06
N THR A 61 -11.22 -9.51 1.42
CA THR A 61 -11.74 -8.61 2.47
C THR A 61 -12.05 -7.23 1.87
N ALA A 62 -11.97 -7.11 0.54
CA ALA A 62 -12.06 -5.79 -0.07
C ALA A 62 -13.47 -5.26 -0.12
N CYS A 63 -14.42 -6.16 -0.24
CA CYS A 63 -15.67 -5.79 -0.87
C CYS A 63 -16.79 -6.71 -0.43
N SER A 64 -17.40 -6.30 0.68
CA SER A 64 -18.29 -7.12 1.49
C SER A 64 -19.42 -6.24 2.06
N GLU A 65 -20.32 -6.79 2.87
CA GLU A 65 -21.33 -5.90 3.50
C GLU A 65 -20.73 -5.15 4.67
N LYS A 66 -19.88 -5.84 5.43
CA LYS A 66 -19.27 -5.24 6.61
C LYS A 66 -17.76 -5.00 6.54
N ILE A 67 -17.08 -5.71 5.63
CA ILE A 67 -15.62 -5.77 5.61
C ILE A 67 -15.04 -4.94 4.50
N SER A 68 -14.05 -4.13 4.79
CA SER A 68 -13.40 -3.42 3.69
C SER A 68 -11.94 -3.21 4.06
N ASN A 69 -11.12 -2.85 3.09
CA ASN A 69 -9.68 -2.62 3.28
C ASN A 69 -9.30 -1.13 3.53
N THR A 70 -8.15 -0.89 4.15
CA THR A 70 -7.69 0.49 4.26
C THR A 70 -6.18 0.52 4.03
N ALA A 71 -5.72 1.56 3.37
CA ALA A 71 -4.27 1.73 3.22
C ALA A 71 -3.57 2.49 4.39
N ILE A 72 -4.23 2.70 5.52
CA ILE A 72 -3.55 3.28 6.69
C ILE A 72 -2.18 2.59 6.98
N SER A 73 -1.15 3.37 7.23
CA SER A 73 0.11 2.81 7.58
C SER A 73 0.03 2.01 8.90
N ILE A 74 0.60 0.82 8.93
CA ILE A 74 0.53 0.02 10.15
C ILE A 74 1.85 0.10 10.89
N SER A 75 2.84 0.78 10.32
CA SER A 75 4.11 0.88 11.00
C SER A 75 4.34 2.25 11.63
N ASP A 76 3.60 3.25 11.17
CA ASP A 76 3.63 4.57 11.79
C ASP A 76 2.50 4.59 12.81
N HIS A 77 2.85 4.35 14.07
CA HIS A 77 1.82 4.18 15.09
C HIS A 77 1.10 5.48 15.45
N THR A 78 1.76 6.62 15.24
CA THR A 78 1.08 7.88 15.45
C THR A 78 -0.07 8.05 14.46
N ALA A 79 0.22 7.84 13.17
CA ALA A 79 -0.85 7.97 12.17
C ALA A 79 -1.97 6.93 12.40
N LEU A 80 -1.57 5.71 12.75
CA LEU A 80 -2.54 4.68 13.03
C LEU A 80 -3.49 5.08 14.18
N ALA A 81 -2.92 5.67 15.24
CA ALA A 81 -3.75 6.12 16.37
C ALA A 81 -4.69 7.23 15.94
N GLN A 82 -4.18 8.19 15.14
CA GLN A 82 -5.03 9.29 14.69
C GLN A 82 -6.18 8.72 13.84
N PHE A 83 -5.87 7.76 12.99
CA PHE A 83 -6.89 7.12 12.18
C PHE A 83 -7.94 6.37 13.01
N CYS A 84 -7.47 5.57 13.96
CA CYS A 84 -8.39 4.96 14.91
C CYS A 84 -9.36 5.93 15.62
N LYS A 85 -8.86 7.03 16.18
CA LYS A 85 -9.74 8.00 16.86
C LYS A 85 -10.70 8.73 15.91
N GLU A 86 -10.22 9.18 14.76
CA GLU A 86 -11.12 9.82 13.81
C GLU A 86 -12.24 8.89 13.36
N LYS A 87 -11.94 7.62 13.11
CA LYS A 87 -13.00 6.72 12.69
C LYS A 87 -13.76 6.12 13.86
N LYS A 88 -13.37 6.44 15.08
CA LYS A 88 -13.99 5.87 16.28
C LYS A 88 -13.94 4.34 16.28
N ILE A 89 -12.77 3.80 15.94
CA ILE A 89 -12.51 2.38 16.00
C ILE A 89 -12.55 1.93 17.45
N GLU A 90 -13.29 0.87 17.77
CA GLU A 90 -13.37 0.35 19.14
C GLU A 90 -12.07 -0.25 19.62
N PHE A 91 -11.50 -1.13 18.78
CA PHE A 91 -10.23 -1.71 19.12
C PHE A 91 -9.52 -2.24 17.90
N VAL A 92 -8.22 -2.49 18.04
CA VAL A 92 -7.42 -3.00 16.96
C VAL A 92 -7.10 -4.44 17.30
N VAL A 93 -7.14 -5.29 16.28
CA VAL A 93 -6.68 -6.66 16.39
C VAL A 93 -5.44 -6.89 15.54
N VAL A 94 -4.36 -7.38 16.12
CA VAL A 94 -3.16 -7.63 15.32
C VAL A 94 -3.01 -9.07 14.79
N GLY A 95 -3.08 -9.23 13.47
CA GLY A 95 -2.78 -10.50 12.83
C GLY A 95 -1.36 -11.04 13.06
N PRO A 96 -0.34 -10.43 12.43
CA PRO A 96 1.05 -10.97 12.47
C PRO A 96 1.86 -10.56 13.69
N GLU A 97 3.01 -11.21 13.87
CA GLU A 97 3.86 -10.95 15.01
C GLU A 97 4.69 -9.65 14.91
N ALA A 98 5.13 -9.28 13.71
CA ALA A 98 6.02 -8.08 13.62
C ALA A 98 5.50 -6.83 14.37
N PRO A 99 4.25 -6.39 14.12
CA PRO A 99 3.84 -5.16 14.82
C PRO A 99 3.80 -5.30 16.34
N LEU A 100 3.58 -6.50 16.84
CA LEU A 100 3.58 -6.68 18.28
C LEU A 100 4.99 -6.39 18.82
N ALA A 101 5.99 -6.98 18.19
CA ALA A 101 7.38 -6.79 18.59
C ALA A 101 7.82 -5.35 18.31
N ALA A 102 7.10 -4.65 17.45
CA ALA A 102 7.42 -3.22 17.20
C ALA A 102 6.77 -2.25 18.21
N GLY A 103 6.02 -2.76 19.18
CA GLY A 103 5.40 -1.92 20.20
C GLY A 103 4.00 -1.39 19.90
N ILE A 104 3.30 -1.96 18.94
CA ILE A 104 2.04 -1.40 18.46
C ILE A 104 1.02 -1.21 19.58
N VAL A 105 0.95 -2.19 20.47
CA VAL A 105 0.01 -2.19 21.60
C VAL A 105 0.31 -1.07 22.58
N GLY A 106 1.58 -1.00 23.03
CA GLY A 106 2.02 0.03 23.99
C GLY A 106 1.82 1.41 23.41
N ASN A 107 2.16 1.59 22.14
CA ASN A 107 1.99 2.88 21.51
C ASN A 107 0.54 3.23 21.27
N LEU A 108 -0.29 2.27 20.90
CA LEU A 108 -1.68 2.65 20.68
C LEU A 108 -2.29 3.02 22.02
N ARG A 109 -1.92 2.29 23.07
CA ARG A 109 -2.48 2.51 24.40
C ARG A 109 -2.15 3.87 24.93
N SER A 110 -0.92 4.33 24.74
CA SER A 110 -0.58 5.63 25.30
C SER A 110 -1.21 6.72 24.47
N ALA A 111 -1.75 6.35 23.32
CA ALA A 111 -2.51 7.30 22.53
C ALA A 111 -4.00 7.13 22.79
N GLY A 112 -4.38 6.29 23.75
CA GLY A 112 -5.82 6.12 24.08
C GLY A 112 -6.58 5.18 23.15
N VAL A 113 -5.87 4.31 22.44
CA VAL A 113 -6.53 3.39 21.53
C VAL A 113 -6.35 1.96 22.01
N GLN A 114 -7.45 1.23 22.17
CA GLN A 114 -7.38 -0.15 22.60
C GLN A 114 -6.83 -1.05 21.51
N CYS A 115 -5.92 -1.96 21.88
CA CYS A 115 -5.38 -2.87 20.92
C CYS A 115 -5.26 -4.24 21.52
N PHE A 116 -5.67 -5.27 20.78
CA PHE A 116 -5.69 -6.61 21.35
C PHE A 116 -4.36 -7.24 21.04
N GLY A 117 -3.69 -7.75 22.07
CA GLY A 117 -2.34 -8.25 21.87
C GLY A 117 -1.42 -7.95 23.04
N PRO A 118 -0.27 -8.65 23.08
CA PRO A 118 0.75 -8.38 24.10
C PRO A 118 1.57 -7.16 23.78
N THR A 119 2.12 -6.51 24.83
CA THR A 119 3.13 -5.48 24.64
C THR A 119 4.38 -6.11 24.06
N ALA A 120 5.22 -5.26 23.45
CA ALA A 120 6.61 -5.64 23.06
C ALA A 120 7.37 -6.39 24.16
N GLU A 121 7.28 -5.92 25.40
CA GLU A 121 7.97 -6.58 26.52
C GLU A 121 7.48 -8.03 26.64
N ALA A 122 6.16 -8.21 26.61
CA ALA A 122 5.59 -9.55 26.75
C ALA A 122 5.80 -10.44 25.52
N ALA A 123 5.91 -9.84 24.32
CA ALA A 123 6.17 -10.59 23.09
C ALA A 123 7.61 -11.10 23.01
N GLN A 124 8.40 -10.83 24.03
CA GLN A 124 9.76 -11.36 24.05
C GLN A 124 9.72 -12.90 24.13
N LEU A 125 8.59 -13.45 24.57
CA LEU A 125 8.43 -14.89 24.65
C LEU A 125 8.63 -15.48 23.26
N GLU A 126 8.19 -14.74 22.24
CA GLU A 126 8.46 -15.12 20.87
C GLU A 126 9.72 -14.46 20.32
N SER A 127 9.90 -13.16 20.55
CA SER A 127 10.90 -12.41 19.81
C SER A 127 12.36 -12.71 20.19
N SER A 128 12.59 -13.27 21.38
CA SER A 128 13.94 -13.63 21.80
C SER A 128 13.93 -15.05 22.37
N LYS A 129 14.49 -16.02 21.65
CA LYS A 129 14.46 -17.41 22.16
C LYS A 129 15.19 -17.63 23.48
N ARG A 130 16.27 -16.87 23.71
CA ARG A 130 17.02 -16.94 24.96
C ARG A 130 16.14 -16.51 26.14
N PHE A 131 15.51 -15.35 26.01
CA PHE A 131 14.59 -14.88 27.04
C PHE A 131 13.54 -15.95 27.39
N ALA A 132 12.92 -16.53 26.36
CA ALA A 132 11.90 -17.57 26.59
C ALA A 132 12.43 -18.78 27.38
N LYS A 133 13.61 -19.25 27.03
CA LYS A 133 14.15 -20.42 27.70
C LYS A 133 14.53 -20.06 29.13
N GLU A 134 15.01 -18.84 29.32
CA GLU A 134 15.37 -18.42 30.67
C GLU A 134 14.10 -18.25 31.48
N PHE A 135 13.07 -17.72 30.85
CA PHE A 135 11.83 -17.49 31.55
C PHE A 135 11.26 -18.82 32.03
N MET A 136 11.31 -19.83 31.17
CA MET A 136 10.80 -21.16 31.50
C MET A 136 11.56 -21.86 32.64
N ASP A 137 12.88 -21.83 32.59
CA ASP A 137 13.66 -22.35 33.73
C ASP A 137 13.29 -21.62 35.00
N ARG A 138 13.13 -20.30 34.93
CA ARG A 138 12.81 -19.50 36.11
C ARG A 138 11.46 -19.89 36.76
N HIS A 139 10.55 -20.48 35.99
CA HIS A 139 9.23 -20.80 36.52
C HIS A 139 8.85 -22.27 36.43
N GLY A 140 9.85 -23.14 36.24
CA GLY A 140 9.63 -24.59 36.11
C GLY A 140 8.63 -25.02 35.03
N ILE A 141 8.57 -24.28 33.92
CA ILE A 141 7.78 -24.65 32.75
C ILE A 141 8.59 -25.64 31.91
N PRO A 142 8.01 -26.81 31.60
CA PRO A 142 8.87 -27.84 31.02
C PRO A 142 9.19 -27.54 29.55
N THR A 143 10.44 -27.77 29.19
CA THR A 143 10.97 -27.40 27.88
C THR A 143 12.24 -28.25 27.69
N ALA A 144 12.81 -28.25 26.49
CA ALA A 144 14.06 -29.00 26.27
C ALA A 144 15.23 -28.27 26.92
N GLN A 145 16.16 -29.04 27.46
CA GLN A 145 17.36 -28.47 28.05
C GLN A 145 18.22 -27.89 26.92
N TRP A 146 19.09 -26.96 27.28
CA TRP A 146 19.53 -25.98 26.30
C TRP A 146 20.69 -25.19 26.84
N LYS A 147 21.33 -24.46 25.94
CA LYS A 147 22.27 -23.45 26.38
C LYS A 147 22.42 -22.47 25.24
N ALA A 148 22.82 -21.24 25.56
CA ALA A 148 22.97 -20.21 24.54
C ALA A 148 24.42 -19.83 24.35
N PHE A 149 24.76 -19.37 23.14
CA PHE A 149 26.14 -18.99 22.83
C PHE A 149 26.21 -17.76 21.93
N THR A 150 27.33 -17.05 22.00
CA THR A 150 27.54 -15.96 21.05
C THR A 150 28.79 -16.27 20.22
N LYS A 151 29.69 -17.07 20.78
CA LYS A 151 30.83 -17.53 20.02
C LYS A 151 30.48 -18.89 19.42
N PRO A 152 30.72 -19.08 18.10
CA PRO A 152 30.41 -20.40 17.54
C PRO A 152 31.39 -21.52 17.98
N GLU A 153 32.63 -21.20 18.30
CA GLU A 153 33.54 -22.29 18.68
C GLU A 153 33.05 -23.01 19.95
N GLU A 154 32.57 -22.20 20.94
CA GLU A 154 32.03 -22.75 22.18
C GLU A 154 30.73 -23.52 21.96
N ALA A 155 30.03 -23.18 20.88
CA ALA A 155 28.78 -23.85 20.57
C ALA A 155 29.09 -25.26 20.09
N CYS A 156 30.18 -25.38 19.34
CA CYS A 156 30.57 -26.67 18.81
C CYS A 156 30.99 -27.59 19.96
N SER A 157 31.88 -27.10 20.81
CA SER A 157 32.27 -27.77 22.03
C SER A 157 31.06 -28.37 22.74
N PHE A 158 30.00 -27.58 22.86
CA PHE A 158 28.82 -28.04 23.57
C PHE A 158 28.15 -29.15 22.76
N ILE A 159 28.03 -28.96 21.44
CA ILE A 159 27.44 -29.99 20.60
C ILE A 159 28.24 -31.29 20.71
N LEU A 160 29.55 -31.18 20.54
CA LEU A 160 30.41 -32.33 20.51
C LEU A 160 30.46 -33.09 21.85
N SER A 161 30.28 -32.38 22.95
CA SER A 161 30.44 -33.03 24.22
C SER A 161 29.18 -33.24 25.07
N ALA A 162 28.00 -33.08 24.49
CA ALA A 162 26.78 -33.40 25.22
C ALA A 162 26.49 -34.90 25.13
N ASP A 163 25.95 -35.49 26.20
CA ASP A 163 25.56 -36.90 26.12
C ASP A 163 24.14 -37.09 25.65
N PHE A 164 23.31 -36.07 25.84
CA PHE A 164 22.01 -35.97 25.15
C PHE A 164 22.17 -35.45 23.72
N PRO A 165 21.22 -35.77 22.84
CA PRO A 165 21.24 -35.23 21.48
C PRO A 165 20.99 -33.73 21.41
N ALA A 166 22.06 -32.95 21.62
CA ALA A 166 22.01 -31.50 21.46
C ALA A 166 22.15 -31.08 19.98
N LEU A 167 21.05 -31.14 19.23
CA LEU A 167 21.09 -31.16 17.77
C LEU A 167 20.13 -30.18 17.14
N VAL A 168 19.52 -29.32 17.97
CA VAL A 168 18.57 -28.31 17.46
C VAL A 168 19.16 -26.93 17.68
N VAL A 169 19.38 -26.20 16.60
CA VAL A 169 20.01 -24.91 16.74
C VAL A 169 19.13 -23.80 16.23
N LYS A 170 18.96 -22.81 17.09
CA LYS A 170 17.98 -21.79 16.92
C LYS A 170 18.62 -20.44 16.97
N ALA A 171 18.48 -19.70 15.87
CA ALA A 171 18.73 -18.27 15.82
C ALA A 171 17.81 -17.60 16.83
N SER A 172 18.37 -16.91 17.81
CA SER A 172 17.57 -16.27 18.85
C SER A 172 16.56 -15.23 18.31
N GLY A 173 16.95 -14.46 17.30
CA GLY A 173 16.12 -13.38 16.80
C GLY A 173 15.30 -13.78 15.58
N LEU A 174 13.97 -13.74 15.71
CA LEU A 174 13.02 -14.07 14.61
C LEU A 174 13.31 -13.32 13.32
N LYS A 178 17.30 -18.75 7.82
CA LYS A 178 16.99 -20.02 8.48
C LYS A 178 16.07 -19.84 9.72
N GLY A 179 16.68 -19.68 10.88
CA GLY A 179 15.93 -19.50 12.13
C GLY A 179 15.97 -20.71 13.03
N VAL A 180 15.70 -21.88 12.46
CA VAL A 180 15.67 -23.10 13.21
C VAL A 180 16.19 -24.25 12.35
N ILE A 181 17.26 -24.91 12.81
CA ILE A 181 17.73 -26.10 12.13
C ILE A 181 17.73 -27.31 13.04
N VAL A 182 17.12 -28.38 12.57
CA VAL A 182 17.05 -29.64 13.29
C VAL A 182 17.96 -30.59 12.58
N ALA A 183 19.14 -30.79 13.18
CA ALA A 183 20.15 -31.63 12.60
C ALA A 183 19.94 -33.04 13.11
N LYS A 184 20.38 -34.01 12.32
CA LYS A 184 20.35 -35.43 12.71
C LYS A 184 21.67 -35.91 13.29
N SER A 185 22.77 -35.24 12.97
CA SER A 185 24.09 -35.63 13.48
C SER A 185 24.89 -34.43 14.04
N LYS A 186 25.79 -34.72 14.97
CA LYS A 186 26.68 -33.69 15.51
C LYS A 186 27.34 -32.89 14.39
N GLU A 187 27.82 -33.58 13.37
CA GLU A 187 28.38 -32.92 12.20
C GLU A 187 27.45 -31.89 11.59
N GLU A 188 26.18 -32.25 11.41
CA GLU A 188 25.20 -31.34 10.84
C GLU A 188 24.85 -30.19 11.76
N ALA A 189 24.94 -30.41 13.06
CA ALA A 189 24.66 -29.31 13.98
C ALA A 189 25.83 -28.33 14.03
N CYS A 190 27.07 -28.83 13.96
CA CYS A 190 28.21 -27.94 13.78
C CYS A 190 28.13 -27.13 12.44
N LYS A 191 27.78 -27.79 11.35
CA LYS A 191 27.52 -27.13 10.06
C LYS A 191 26.47 -26.03 10.21
N ALA A 192 25.41 -26.33 10.94
CA ALA A 192 24.31 -25.39 11.15
C ALA A 192 24.69 -24.17 11.99
N VAL A 193 25.54 -24.38 12.99
CA VAL A 193 25.95 -23.28 13.84
C VAL A 193 26.77 -22.32 12.99
N GLN A 194 27.39 -22.86 11.93
CA GLN A 194 28.20 -22.04 11.05
C GLN A 194 27.36 -21.15 10.15
N GLU A 195 26.26 -21.69 9.65
CA GLU A 195 25.39 -20.99 8.68
C GLU A 195 24.58 -19.86 9.32
N ILE A 196 24.06 -20.14 10.50
CA ILE A 196 23.33 -19.16 11.30
C ILE A 196 24.23 -18.05 11.87
N MET A 197 25.54 -18.27 11.93
CA MET A 197 26.42 -17.17 12.31
C MET A 197 27.12 -16.60 11.08
N GLN A 198 26.32 -16.30 10.06
CA GLN A 198 26.71 -15.60 8.83
C GLN A 198 25.66 -14.52 8.54
N GLU A 199 24.56 -14.92 7.92
CA GLU A 199 23.44 -14.02 7.68
C GLU A 199 22.19 -14.86 7.41
N GLU A 207 23.92 -11.00 18.03
CA GLU A 207 23.08 -11.70 19.00
C GLU A 207 23.64 -13.10 19.42
N THR A 208 22.72 -14.04 19.65
CA THR A 208 22.99 -15.28 20.34
C THR A 208 22.30 -16.42 19.55
N ILE A 209 22.73 -17.67 19.75
CA ILE A 209 21.89 -18.82 19.36
C ILE A 209 21.62 -19.74 20.54
N VAL A 210 20.58 -20.55 20.39
CA VAL A 210 20.19 -21.48 21.40
C VAL A 210 20.36 -22.87 20.81
N ILE A 211 21.16 -23.68 21.47
CA ILE A 211 21.24 -25.07 21.10
C ILE A 211 20.43 -25.84 22.13
N GLU A 212 19.50 -26.68 21.67
CA GLU A 212 18.71 -27.45 22.62
C GLU A 212 18.53 -28.93 22.27
N GLU A 213 18.08 -29.71 23.24
CA GLU A 213 17.88 -31.13 23.02
C GLU A 213 16.80 -31.45 21.97
N LEU A 214 17.14 -32.33 21.03
CA LEU A 214 16.17 -32.90 20.11
C LEU A 214 15.21 -33.82 20.86
N LEU A 215 13.96 -33.40 21.02
CA LEU A 215 12.96 -34.26 21.63
C LEU A 215 12.31 -35.08 20.52
N ASP A 216 11.54 -36.10 20.89
CA ASP A 216 10.62 -36.64 19.88
C ASP A 216 9.21 -36.93 20.42
N GLY A 217 8.32 -37.28 19.48
CA GLY A 217 6.91 -37.42 19.79
C GLY A 217 6.13 -36.51 18.89
N GLU A 218 4.87 -36.30 19.23
CA GLU A 218 3.93 -35.53 18.42
C GLU A 218 3.94 -34.04 18.73
N GLU A 219 3.99 -33.19 17.70
CA GLU A 219 3.85 -31.77 17.90
C GLU A 219 2.37 -31.36 17.86
N VAL A 220 2.00 -30.35 18.65
CA VAL A 220 0.64 -29.80 18.70
C VAL A 220 0.71 -28.33 19.11
N SER A 221 -0.25 -27.55 18.62
CA SER A 221 -0.32 -26.14 18.90
C SER A 221 -1.39 -25.91 19.94
N CYS A 222 -1.00 -25.29 21.05
CA CYS A 222 -1.95 -25.03 22.11
C CYS A 222 -2.07 -23.54 22.36
N LEU A 223 -3.23 -23.00 22.00
CA LEU A 223 -3.47 -21.58 22.15
C LEU A 223 -4.38 -21.30 23.32
N CYS A 224 -4.29 -20.08 23.82
CA CYS A 224 -5.34 -19.59 24.68
C CYS A 224 -5.57 -18.09 24.51
N PHE A 225 -6.79 -17.68 24.82
CA PHE A 225 -7.08 -16.28 25.04
C PHE A 225 -6.64 -16.03 26.48
N THR A 226 -6.02 -14.89 26.73
CA THR A 226 -5.73 -14.51 28.10
C THR A 226 -5.80 -13.01 28.29
N ASP A 227 -6.28 -12.63 29.47
CA ASP A 227 -6.33 -11.22 29.83
C ASP A 227 -5.31 -10.88 30.88
N GLY A 228 -4.32 -11.74 31.07
CA GLY A 228 -3.30 -11.45 32.04
C GLY A 228 -3.47 -12.26 33.32
N LYS A 229 -4.72 -12.62 33.63
CA LYS A 229 -5.05 -13.39 34.82
C LYS A 229 -5.79 -14.67 34.43
N THR A 230 -6.92 -14.54 33.73
CA THR A 230 -7.68 -15.71 33.32
C THR A 230 -7.08 -16.30 32.05
N VAL A 231 -7.21 -17.61 31.91
CA VAL A 231 -6.68 -18.33 30.78
C VAL A 231 -7.80 -19.19 30.17
N ALA A 232 -8.06 -18.97 28.89
CA ALA A 232 -9.10 -19.73 28.19
C ALA A 232 -8.51 -20.46 27.00
N PRO A 233 -8.19 -21.76 27.20
CA PRO A 233 -7.48 -22.50 26.17
C PRO A 233 -8.33 -22.72 24.92
N MET A 234 -7.69 -22.75 23.76
CA MET A 234 -8.35 -23.16 22.55
C MET A 234 -8.15 -24.67 22.34
N PRO A 235 -9.03 -25.31 21.58
CA PRO A 235 -8.77 -26.74 21.39
C PRO A 235 -7.51 -26.88 20.52
N PRO A 236 -6.69 -27.93 20.74
CA PRO A 236 -5.35 -28.06 20.15
C PRO A 236 -5.38 -28.30 18.64
N ALA A 237 -4.43 -27.72 17.89
CA ALA A 237 -4.42 -27.91 16.45
C ALA A 237 -3.09 -28.47 15.98
N GLN A 238 -3.02 -28.89 14.72
CA GLN A 238 -1.80 -29.39 14.10
C GLN A 238 -1.79 -28.86 12.70
N ASP A 239 -0.62 -28.66 12.12
CA ASP A 239 -0.57 -28.27 10.72
C ASP A 239 0.50 -29.04 9.96
N HIS A 240 0.54 -28.89 8.65
CA HIS A 240 1.54 -29.52 7.83
C HIS A 240 2.42 -28.43 7.16
N LYS A 241 3.73 -28.40 7.45
CA LYS A 241 4.65 -27.43 6.83
C LYS A 241 5.20 -27.88 5.48
N ARG A 242 5.34 -29.19 5.32
CA ARG A 242 5.94 -29.75 4.12
C ARG A 242 5.11 -29.50 2.88
N LEU A 243 5.79 -29.22 1.76
CA LEU A 243 5.11 -28.91 0.52
C LEU A 243 4.36 -30.08 -0.15
N LEU A 244 4.94 -31.28 -0.08
CA LEU A 244 4.46 -32.41 -0.87
C LEU A 244 3.66 -33.43 -0.06
N GLU A 245 2.78 -34.16 -0.74
CA GLU A 245 2.08 -35.30 -0.17
C GLU A 245 3.07 -36.31 0.37
N GLY A 246 2.78 -36.80 1.58
CA GLY A 246 3.65 -37.75 2.25
C GLY A 246 4.58 -37.03 3.20
N ASP A 247 4.40 -35.71 3.32
CA ASP A 247 5.32 -34.88 4.12
C ASP A 247 6.75 -34.82 3.54
N GLY A 248 6.82 -34.69 2.21
CA GLY A 248 8.10 -34.56 1.51
C GLY A 248 8.33 -33.15 0.96
N GLY A 249 9.50 -32.92 0.36
CA GLY A 249 9.86 -31.63 -0.21
C GLY A 249 10.26 -30.59 0.83
N PRO A 250 10.40 -29.33 0.42
CA PRO A 250 10.84 -28.27 1.36
C PRO A 250 9.73 -27.84 2.32
N ASN A 251 10.13 -27.31 3.49
CA ASN A 251 9.17 -26.68 4.39
C ASN A 251 8.57 -25.42 3.79
N THR A 252 7.40 -25.01 4.29
CA THR A 252 6.68 -23.87 3.80
C THR A 252 6.10 -23.23 5.02
N GLY A 253 5.30 -22.18 4.83
CA GLY A 253 4.56 -21.55 5.92
C GLY A 253 3.39 -22.39 6.47
N GLY A 254 3.04 -23.50 5.81
CA GLY A 254 1.92 -24.34 6.27
C GLY A 254 0.98 -24.59 5.11
N MET A 255 0.81 -25.86 4.75
CA MET A 255 0.02 -26.26 3.60
C MET A 255 -1.38 -26.75 4.01
N GLY A 256 -1.67 -26.75 5.31
CA GLY A 256 -2.93 -27.26 5.77
C GLY A 256 -2.93 -27.46 7.26
N ALA A 257 -4.12 -27.59 7.85
CA ALA A 257 -4.22 -27.73 9.31
C ALA A 257 -5.57 -28.32 9.66
N TYR A 258 -5.74 -28.72 10.91
CA TYR A 258 -7.01 -29.24 11.37
C TYR A 258 -7.07 -29.13 12.89
N CYS A 259 -8.28 -29.19 13.41
CA CYS A 259 -8.52 -28.96 14.81
C CYS A 259 -9.84 -29.61 15.15
N PRO A 260 -9.96 -30.24 16.32
CA PRO A 260 -8.93 -30.52 17.32
C PRO A 260 -8.08 -31.70 16.93
N ALA A 261 -6.80 -31.64 17.30
CA ALA A 261 -5.89 -32.77 17.21
C ALA A 261 -6.35 -33.88 18.15
N PRO A 262 -6.74 -35.04 17.59
CA PRO A 262 -7.22 -36.18 18.40
C PRO A 262 -6.15 -36.83 19.27
N GLN A 263 -4.88 -36.48 19.05
CA GLN A 263 -3.77 -37.09 19.83
C GLN A 263 -3.74 -36.64 21.28
N VAL A 264 -4.55 -35.64 21.65
CA VAL A 264 -4.44 -35.08 23.01
C VAL A 264 -5.66 -35.38 23.90
N SER A 265 -5.44 -36.17 24.95
CA SER A 265 -6.52 -36.46 25.90
C SER A 265 -6.86 -35.23 26.72
N ASN A 266 -8.02 -35.23 27.37
CA ASN A 266 -8.49 -34.10 28.18
C ASN A 266 -7.57 -33.85 29.36
N ASP A 267 -7.09 -34.95 29.92
CA ASP A 267 -6.11 -34.90 31.00
C ASP A 267 -4.90 -34.13 30.54
N LEU A 268 -4.47 -34.42 29.32
CA LEU A 268 -3.25 -33.85 28.83
C LEU A 268 -3.43 -32.34 28.60
N LEU A 269 -4.63 -31.97 28.16
CA LEU A 269 -4.97 -30.59 27.92
C LEU A 269 -4.99 -29.78 29.21
N LEU A 270 -5.48 -30.39 30.29
CA LEU A 270 -5.44 -29.72 31.59
C LEU A 270 -4.04 -29.69 32.22
N LYS A 271 -3.22 -30.71 31.93
CA LYS A 271 -1.80 -30.66 32.29
C LYS A 271 -1.16 -29.45 31.58
N ILE A 272 -1.47 -29.30 30.29
CA ILE A 272 -0.86 -28.28 29.50
C ILE A 272 -1.35 -26.89 29.94
N LYS A 273 -2.65 -26.78 30.20
CA LYS A 273 -3.23 -25.54 30.70
C LYS A 273 -2.56 -25.09 31.99
N ASP A 274 -2.27 -26.05 32.86
CA ASP A 274 -1.71 -25.76 34.18
C ASP A 274 -0.19 -25.58 34.16
N THR A 275 0.47 -26.44 33.41
CA THR A 275 1.92 -26.57 33.42
C THR A 275 2.57 -25.57 32.47
N VAL A 276 1.82 -25.16 31.44
CA VAL A 276 2.33 -24.24 30.43
C VAL A 276 1.60 -22.88 30.35
N LEU A 277 0.33 -22.90 29.93
CA LEU A 277 -0.42 -21.64 29.72
C LEU A 277 -0.63 -20.76 30.99
N GLN A 278 -1.26 -21.29 32.03
CA GLN A 278 -1.52 -20.52 33.26
C GLN A 278 -0.21 -20.15 33.93
N ARG A 279 0.76 -21.05 33.81
CA ARG A 279 2.04 -20.87 34.47
C ARG A 279 2.87 -19.83 33.75
N THR A 280 2.69 -19.73 32.44
CA THR A 280 3.38 -18.71 31.66
C THR A 280 2.82 -17.33 32.02
N VAL A 281 1.50 -17.22 31.97
CA VAL A 281 0.84 -15.96 32.31
C VAL A 281 1.16 -15.52 33.73
N ASP A 282 0.96 -16.41 34.70
CA ASP A 282 1.30 -16.09 36.10
C ASP A 282 2.75 -15.65 36.27
N GLY A 283 3.63 -16.35 35.57
CA GLY A 283 5.04 -16.02 35.64
C GLY A 283 5.29 -14.64 35.11
N MET A 284 4.71 -14.32 33.94
CA MET A 284 4.84 -13.00 33.35
C MET A 284 4.26 -11.91 34.27
N GLN A 285 3.07 -12.16 34.80
CA GLN A 285 2.41 -11.22 35.71
C GLN A 285 3.27 -10.96 36.97
N GLN A 286 3.86 -12.02 37.50
CA GLN A 286 4.70 -11.92 38.67
C GLN A 286 6.04 -11.25 38.40
N GLU A 287 6.43 -11.14 37.14
CA GLU A 287 7.67 -10.42 36.79
C GLU A 287 7.38 -8.97 36.38
N GLY A 288 6.12 -8.57 36.54
CA GLY A 288 5.71 -7.20 36.28
C GLY A 288 5.62 -6.85 34.82
N THR A 289 5.44 -7.86 33.97
CA THR A 289 5.25 -7.63 32.55
C THR A 289 4.07 -8.49 32.09
N PRO A 290 2.85 -8.11 32.49
CA PRO A 290 1.68 -8.96 32.27
C PRO A 290 1.46 -9.30 30.77
N TYR A 291 0.96 -10.51 30.50
CA TYR A 291 0.72 -10.95 29.13
C TYR A 291 -0.79 -10.93 28.77
N THR A 292 -1.19 -10.21 27.73
CA THR A 292 -2.61 -10.21 27.30
C THR A 292 -2.79 -10.44 25.80
N GLY A 293 -3.87 -11.11 25.43
CA GLY A 293 -4.14 -11.39 24.03
C GLY A 293 -4.17 -12.88 23.75
N ILE A 294 -3.38 -13.30 22.78
CA ILE A 294 -3.30 -14.72 22.48
C ILE A 294 -1.90 -15.21 22.84
N LEU A 295 -1.83 -16.28 23.61
CA LEU A 295 -0.56 -16.93 23.83
C LEU A 295 -0.63 -18.24 23.03
N TYR A 296 0.41 -18.48 22.23
CA TYR A 296 0.53 -19.67 21.42
C TYR A 296 1.68 -20.47 21.99
N ALA A 297 1.45 -21.74 22.35
CA ALA A 297 2.57 -22.59 22.72
C ALA A 297 2.69 -23.79 21.78
N GLY A 298 3.88 -23.95 21.17
CA GLY A 298 4.17 -25.13 20.38
C GLY A 298 4.67 -26.22 21.30
N ILE A 299 4.04 -27.39 21.24
CA ILE A 299 4.30 -28.41 22.23
C ILE A 299 4.67 -29.78 21.64
N MET A 300 5.70 -30.39 22.24
CA MET A 300 6.04 -31.76 21.90
C MET A 300 5.47 -32.67 23.00
N LEU A 301 4.74 -33.70 22.60
CA LEU A 301 4.36 -34.75 23.56
C LEU A 301 5.47 -35.79 23.67
N THR A 302 6.26 -35.72 24.73
CA THR A 302 7.36 -36.67 24.94
C THR A 302 6.87 -37.83 25.79
N LYS A 303 7.65 -38.92 25.81
CA LYS A 303 7.42 -40.00 26.79
C LYS A 303 7.42 -39.42 28.19
N ASN A 304 8.17 -38.33 28.39
CA ASN A 304 8.24 -37.62 29.67
C ASN A 304 7.16 -36.55 29.82
N GLY A 305 6.27 -36.43 28.85
CA GLY A 305 5.18 -35.47 28.98
C GLY A 305 5.30 -34.28 28.04
N PRO A 306 4.52 -33.22 28.31
CA PRO A 306 4.44 -32.06 27.43
C PRO A 306 5.61 -31.10 27.62
N LYS A 307 6.31 -30.80 26.54
CA LYS A 307 7.40 -29.82 26.58
C LYS A 307 7.21 -28.73 25.54
N VAL A 308 7.61 -27.50 25.90
CA VAL A 308 7.46 -26.35 25.01
C VAL A 308 8.62 -26.21 24.05
N LEU A 309 8.29 -26.18 22.76
CA LEU A 309 9.25 -25.96 21.68
C LEU A 309 9.44 -24.48 21.36
N GLU A 310 8.35 -23.70 21.45
CA GLU A 310 8.40 -22.24 21.21
C GLU A 310 7.10 -21.55 21.67
N PHE A 311 7.18 -20.25 21.95
CA PHE A 311 5.97 -19.41 22.13
C PHE A 311 5.78 -18.54 20.91
N ASN A 312 4.53 -18.22 20.65
CA ASN A 312 4.23 -17.15 19.74
C ASN A 312 3.06 -16.34 20.30
N CYS A 313 2.81 -15.17 19.72
CA CYS A 313 1.87 -14.20 20.30
C CYS A 313 0.64 -13.81 19.48
N ARG A 314 0.17 -14.73 18.66
CA ARG A 314 -0.92 -14.45 17.71
C ARG A 314 -1.33 -15.80 17.15
N PHE A 315 -2.43 -15.85 16.42
CA PHE A 315 -2.81 -17.09 15.69
C PHE A 315 -1.79 -17.46 14.63
N GLY A 316 -1.58 -18.75 14.42
CA GLY A 316 -0.80 -19.21 13.28
C GLY A 316 -1.62 -19.23 11.98
N ASP A 317 -0.92 -19.33 10.87
CA ASP A 317 -1.55 -19.35 9.56
C ASP A 317 -1.02 -20.62 8.89
N PRO A 318 -1.90 -21.58 8.56
CA PRO A 318 -3.34 -21.66 8.46
C PRO A 318 -4.14 -22.22 9.64
N GLU A 319 -3.55 -22.39 10.81
CA GLU A 319 -4.37 -22.82 11.98
C GLU A 319 -5.56 -21.95 12.33
N CYS A 320 -5.41 -20.63 12.25
CA CYS A 320 -6.54 -19.75 12.52
C CYS A 320 -7.80 -20.17 11.73
N GLN A 321 -7.57 -20.54 10.47
CA GLN A 321 -8.57 -21.01 9.53
C GLN A 321 -9.25 -22.34 9.95
N VAL A 322 -8.73 -22.97 11.01
CA VAL A 322 -9.43 -24.11 11.59
C VAL A 322 -9.83 -23.93 13.04
N ILE A 323 -9.21 -23.00 13.76
CA ILE A 323 -9.65 -22.80 15.15
C ILE A 323 -10.91 -21.91 15.26
N LEU A 324 -10.91 -20.77 14.58
CA LEU A 324 -12.01 -19.81 14.71
C LEU A 324 -13.35 -20.33 14.17
N PRO A 325 -13.33 -21.07 13.04
CA PRO A 325 -14.60 -21.72 12.69
C PRO A 325 -15.16 -22.66 13.76
N LEU A 326 -14.36 -22.99 14.77
CA LEU A 326 -14.90 -23.88 15.82
C LEU A 326 -15.47 -23.10 16.99
N LEU A 327 -15.24 -21.80 17.01
CA LEU A 327 -15.68 -20.96 18.10
C LEU A 327 -17.16 -20.60 17.99
N LYS A 328 -17.97 -21.03 18.96
CA LYS A 328 -19.40 -20.72 18.91
C LYS A 328 -19.71 -19.29 19.39
N SER A 329 -19.00 -18.85 20.45
CA SER A 329 -19.17 -17.50 20.98
C SER A 329 -18.93 -16.39 19.95
N ASP A 330 -19.39 -15.20 20.37
CA ASP A 330 -19.10 -13.98 19.69
C ASP A 330 -17.64 -13.56 19.98
N LEU A 331 -16.79 -13.59 18.95
CA LEU A 331 -15.38 -13.16 19.05
C LEU A 331 -15.22 -11.70 19.50
N TYR A 332 -16.17 -10.85 19.15
CA TYR A 332 -16.12 -9.48 19.56
C TYR A 332 -16.26 -9.43 21.06
N GLU A 333 -17.20 -10.19 21.62
CA GLU A 333 -17.35 -10.22 23.09
C GLU A 333 -16.10 -10.74 23.81
N VAL A 334 -15.49 -11.80 23.26
CA VAL A 334 -14.32 -12.40 23.87
C VAL A 334 -13.17 -11.39 23.92
N ILE A 335 -12.88 -10.77 22.78
CA ILE A 335 -11.89 -9.71 22.71
C ILE A 335 -12.21 -8.51 23.63
N GLN A 336 -13.42 -7.96 23.55
CA GLN A 336 -13.77 -6.79 24.37
C GLN A 336 -13.59 -7.10 25.86
N SER A 337 -14.06 -8.27 26.30
CA SER A 337 -13.89 -8.67 27.69
C SER A 337 -12.42 -8.96 28.05
N THR A 338 -11.63 -9.39 27.08
CA THR A 338 -10.20 -9.58 27.36
C THR A 338 -9.49 -8.22 27.57
N LEU A 339 -9.79 -7.23 26.74
CA LEU A 339 -9.28 -5.87 26.94
C LEU A 339 -9.70 -5.27 28.28
N ASP A 340 -10.95 -5.48 28.66
CA ASP A 340 -11.43 -4.97 29.95
C ASP A 340 -10.94 -5.77 31.17
N GLY A 341 -10.21 -6.85 30.95
CA GLY A 341 -9.73 -7.68 32.06
C GLY A 341 -10.85 -8.45 32.74
N LEU A 342 -11.86 -8.81 31.97
CA LEU A 342 -12.99 -9.56 32.49
C LEU A 342 -13.19 -10.81 31.66
N LEU A 343 -12.09 -11.39 31.16
CA LEU A 343 -12.17 -12.63 30.38
C LEU A 343 -13.08 -13.72 30.95
N CYS A 344 -13.07 -13.92 32.27
CA CYS A 344 -13.93 -14.94 32.88
C CYS A 344 -15.44 -14.65 32.79
N THR A 345 -15.79 -13.41 32.45
CA THR A 345 -17.18 -13.01 32.33
C THR A 345 -17.72 -13.45 30.97
N SER A 346 -16.81 -13.88 30.09
CA SER A 346 -17.19 -14.20 28.74
C SER A 346 -16.30 -15.32 28.22
N LEU A 347 -16.24 -16.44 28.95
CA LEU A 347 -15.46 -17.60 28.51
C LEU A 347 -15.90 -18.13 27.14
N PRO A 348 -14.94 -18.46 26.28
CA PRO A 348 -15.30 -18.97 24.97
C PRO A 348 -15.96 -20.37 24.97
N VAL A 349 -16.94 -20.55 24.11
CA VAL A 349 -17.61 -21.83 24.00
C VAL A 349 -17.29 -22.39 22.62
N TRP A 350 -16.94 -23.67 22.58
CA TRP A 350 -16.42 -24.31 21.37
C TRP A 350 -17.39 -25.32 20.79
N LEU A 351 -17.27 -25.57 19.49
CA LEU A 351 -18.10 -26.54 18.82
C LEU A 351 -17.53 -27.93 19.14
N GLU A 352 -18.27 -28.75 19.86
CA GLU A 352 -17.79 -30.10 20.12
C GLU A 352 -18.33 -31.10 19.11
N ASN A 353 -17.63 -32.22 18.97
CA ASN A 353 -17.95 -33.24 17.96
C ASN A 353 -17.92 -32.78 16.50
N HIS A 354 -17.17 -31.72 16.23
CA HIS A 354 -16.91 -31.30 14.87
C HIS A 354 -15.41 -31.16 14.67
N THR A 355 -14.93 -31.50 13.48
CA THR A 355 -13.54 -31.25 13.15
C THR A 355 -13.51 -30.23 12.01
N ALA A 356 -12.66 -29.22 12.15
CA ALA A 356 -12.35 -28.33 11.05
C ALA A 356 -11.00 -28.68 10.42
N LEU A 357 -10.98 -28.70 9.09
CA LEU A 357 -9.77 -29.03 8.36
C LEU A 357 -9.66 -28.06 7.22
N THR A 358 -8.43 -27.66 6.91
CA THR A 358 -8.21 -26.60 5.94
C THR A 358 -7.07 -26.97 5.00
N VAL A 359 -7.17 -26.60 3.73
CA VAL A 359 -6.17 -27.01 2.75
C VAL A 359 -5.80 -25.79 1.93
N VAL A 360 -4.50 -25.47 1.92
CA VAL A 360 -4.01 -24.29 1.28
C VAL A 360 -3.76 -24.56 -0.22
N MET A 361 -4.14 -23.62 -1.08
CA MET A 361 -3.74 -23.65 -2.46
C MET A 361 -2.62 -22.66 -2.62
N ALA A 362 -1.53 -23.11 -3.22
CA ALA A 362 -0.35 -22.29 -3.38
C ALA A 362 0.01 -22.15 -4.87
N SER A 363 0.83 -21.16 -5.16
CA SER A 363 1.29 -20.86 -6.53
C SER A 363 2.44 -21.74 -6.95
N LYS A 364 2.44 -22.17 -8.21
CA LYS A 364 3.57 -22.88 -8.80
C LYS A 364 4.92 -22.26 -8.39
N GLY A 365 5.85 -23.09 -7.89
CA GLY A 365 7.18 -22.63 -7.48
C GLY A 365 7.30 -22.37 -5.99
N TYR A 366 6.21 -22.01 -5.31
CA TYR A 366 6.24 -21.92 -3.83
C TYR A 366 6.89 -23.19 -3.25
N PRO A 367 7.75 -23.05 -2.23
CA PRO A 367 8.17 -21.84 -1.48
C PRO A 367 9.36 -21.07 -2.05
N GLY A 368 9.85 -21.43 -3.23
CA GLY A 368 10.78 -20.56 -3.97
C GLY A 368 10.04 -19.51 -4.79
N ASP A 369 10.62 -19.15 -5.93
CA ASP A 369 10.04 -18.14 -6.82
C ASP A 369 8.72 -18.63 -7.44
N TYR A 370 7.72 -17.77 -7.48
CA TYR A 370 6.43 -18.24 -8.01
C TYR A 370 5.84 -17.19 -8.92
N THR A 371 4.81 -17.57 -9.63
CA THR A 371 4.19 -16.67 -10.56
C THR A 371 3.10 -15.83 -9.83
N LYS A 372 2.81 -14.62 -10.33
CA LYS A 372 1.84 -13.70 -9.75
C LYS A 372 0.90 -13.18 -10.84
N GLY A 373 -0.30 -12.74 -10.45
CA GLY A 373 -1.17 -12.09 -11.41
C GLY A 373 -1.97 -13.05 -12.28
N VAL A 374 -2.09 -14.30 -11.80
CA VAL A 374 -2.83 -15.35 -12.46
C VAL A 374 -4.28 -15.41 -12.00
N GLU A 375 -5.17 -15.52 -12.97
CA GLU A 375 -6.59 -15.41 -12.72
C GLU A 375 -7.17 -16.62 -12.00
N ILE A 376 -8.05 -16.38 -11.02
CA ILE A 376 -8.60 -17.44 -10.17
C ILE A 376 -10.09 -17.58 -10.40
N THR A 377 -10.57 -18.81 -10.56
CA THR A 377 -12.01 -19.01 -10.74
C THR A 377 -12.53 -20.08 -9.79
N GLY A 378 -13.86 -20.15 -9.62
CA GLY A 378 -14.46 -21.24 -8.85
C GLY A 378 -14.57 -21.06 -7.33
N PHE A 379 -13.91 -20.05 -6.77
CA PHE A 379 -14.03 -19.85 -5.34
C PHE A 379 -15.46 -19.53 -4.91
N PRO A 380 -16.25 -18.87 -5.77
CA PRO A 380 -17.70 -18.76 -5.43
C PRO A 380 -18.46 -20.09 -5.34
N GLU A 381 -18.29 -20.99 -6.31
CA GLU A 381 -18.98 -22.29 -6.19
C GLU A 381 -18.48 -23.16 -5.04
N ALA A 382 -17.17 -23.07 -4.70
CA ALA A 382 -16.63 -23.79 -3.54
C ALA A 382 -17.34 -23.34 -2.27
N GLN A 383 -17.49 -22.02 -2.06
CA GLN A 383 -18.26 -21.52 -0.92
C GLN A 383 -19.71 -21.97 -0.97
N ALA A 384 -20.34 -21.94 -2.14
CA ALA A 384 -21.77 -22.33 -2.26
C ALA A 384 -21.96 -23.78 -1.87
N LEU A 385 -20.89 -24.56 -1.96
CA LEU A 385 -20.99 -25.97 -1.54
C LEU A 385 -20.99 -26.10 -0.02
N GLY A 386 -20.82 -24.99 0.71
CA GLY A 386 -20.84 -25.04 2.17
C GLY A 386 -19.46 -25.05 2.82
N LEU A 387 -18.44 -24.54 2.13
CA LEU A 387 -17.08 -24.48 2.65
C LEU A 387 -16.73 -23.03 2.90
N GLU A 388 -15.71 -22.77 3.68
CA GLU A 388 -15.24 -21.40 3.79
C GLU A 388 -14.02 -21.27 2.91
N VAL A 389 -13.95 -20.17 2.16
CA VAL A 389 -12.76 -19.86 1.43
C VAL A 389 -12.10 -18.62 2.01
N PHE A 390 -10.91 -18.79 2.59
CA PHE A 390 -10.15 -17.71 3.21
C PHE A 390 -8.99 -17.33 2.32
N HIS A 391 -8.99 -16.08 1.83
CA HIS A 391 -8.03 -15.61 0.87
C HIS A 391 -6.73 -15.24 1.53
N ALA A 392 -5.61 -15.64 0.94
CA ALA A 392 -4.29 -15.27 1.47
C ALA A 392 -3.67 -14.26 0.49
N GLY A 393 -2.86 -14.74 -0.44
CA GLY A 393 -2.32 -13.87 -1.48
C GLY A 393 -3.30 -13.75 -2.65
N THR A 394 -4.33 -12.93 -2.51
CA THR A 394 -5.14 -12.59 -3.67
C THR A 394 -5.29 -11.06 -3.83
N ALA A 395 -5.54 -10.59 -5.05
CA ALA A 395 -5.73 -9.14 -5.29
C ALA A 395 -6.76 -8.94 -6.39
N LEU A 396 -7.38 -7.76 -6.40
CA LEU A 396 -8.27 -7.37 -7.48
C LEU A 396 -7.47 -6.77 -8.61
N LYS A 397 -7.81 -7.11 -9.82
CA LYS A 397 -7.15 -6.55 -10.98
C LYS A 397 -8.13 -6.60 -12.10
N ASN A 398 -8.53 -5.42 -12.58
CA ASN A 398 -9.37 -5.29 -13.77
C ASN A 398 -10.65 -6.12 -13.72
N GLY A 399 -11.36 -6.03 -12.60
CA GLY A 399 -12.56 -6.80 -12.39
C GLY A 399 -12.34 -8.30 -12.16
N LYS A 400 -11.10 -8.78 -12.07
CA LYS A 400 -10.85 -10.21 -11.77
C LYS A 400 -10.14 -10.37 -10.42
N VAL A 401 -10.14 -11.58 -9.88
CA VAL A 401 -9.34 -11.88 -8.68
C VAL A 401 -8.18 -12.69 -9.19
N VAL A 402 -6.97 -12.28 -8.83
CA VAL A 402 -5.73 -12.89 -9.31
C VAL A 402 -4.79 -13.25 -8.16
N THR A 403 -3.90 -14.21 -8.38
CA THR A 403 -2.95 -14.60 -7.35
C THR A 403 -2.01 -13.44 -7.03
N HIS A 404 -1.67 -13.26 -5.77
CA HIS A 404 -0.75 -12.23 -5.35
C HIS A 404 0.01 -12.76 -4.13
N GLY A 405 0.70 -13.88 -4.27
CA GLY A 405 1.48 -14.39 -3.16
C GLY A 405 1.67 -15.89 -3.28
N GLY A 406 2.54 -16.43 -2.41
CA GLY A 406 2.94 -17.84 -2.47
C GLY A 406 1.78 -18.73 -2.13
N ARG A 407 1.20 -18.48 -0.96
CA ARG A 407 -0.03 -19.12 -0.53
C ARG A 407 -1.19 -18.26 -0.97
N VAL A 408 -2.06 -18.84 -1.78
CA VAL A 408 -3.16 -18.08 -2.39
C VAL A 408 -4.45 -18.04 -1.56
N LEU A 409 -4.93 -19.19 -1.10
CA LEU A 409 -6.14 -19.26 -0.32
C LEU A 409 -6.21 -20.60 0.37
N ALA A 410 -7.18 -20.76 1.27
CA ALA A 410 -7.42 -22.02 1.96
C ALA A 410 -8.90 -22.33 1.95
N VAL A 411 -9.22 -23.61 1.80
CA VAL A 411 -10.56 -24.05 1.88
C VAL A 411 -10.76 -24.79 3.17
N THR A 412 -11.71 -24.33 3.96
CA THR A 412 -12.02 -25.00 5.21
C THR A 412 -13.34 -25.71 5.22
N ALA A 413 -13.33 -26.99 5.59
CA ALA A 413 -14.55 -27.73 5.82
C ALA A 413 -14.70 -28.03 7.32
N ILE A 414 -15.94 -27.98 7.81
CA ILE A 414 -16.28 -28.28 9.19
C ILE A 414 -17.28 -29.45 9.14
N ARG A 415 -16.84 -30.62 9.60
CA ARG A 415 -17.69 -31.82 9.62
C ARG A 415 -17.52 -32.59 10.94
N GLU A 416 -18.05 -33.80 10.97
CA GLU A 416 -18.06 -34.56 12.21
C GLU A 416 -16.79 -35.34 12.52
N ASN A 417 -15.89 -35.48 11.55
CA ASN A 417 -14.62 -36.17 11.77
C ASN A 417 -13.63 -35.75 10.70
N LEU A 418 -12.35 -36.06 10.89
CA LEU A 418 -11.32 -35.66 9.93
C LEU A 418 -11.68 -36.10 8.52
N ILE A 419 -11.83 -37.42 8.34
CA ILE A 419 -11.94 -38.00 7.03
C ILE A 419 -13.03 -37.31 6.19
N SER A 420 -14.18 -37.08 6.82
CA SER A 420 -15.27 -36.41 6.14
C SER A 420 -14.94 -34.91 5.85
N ALA A 421 -14.30 -34.23 6.79
CA ALA A 421 -13.94 -32.85 6.53
C ALA A 421 -12.94 -32.79 5.37
N LEU A 422 -11.98 -33.70 5.35
CA LEU A 422 -11.00 -33.72 4.26
C LEU A 422 -11.71 -33.87 2.91
N GLU A 423 -12.54 -34.89 2.77
CA GLU A 423 -13.17 -35.14 1.49
C GLU A 423 -14.11 -34.01 1.08
N GLU A 424 -14.77 -33.37 2.06
CA GLU A 424 -15.60 -32.22 1.72
C GLU A 424 -14.73 -31.03 1.27
N ALA A 425 -13.61 -30.78 1.93
CA ALA A 425 -12.72 -29.70 1.48
C ALA A 425 -12.22 -29.94 0.04
N LYS A 426 -12.05 -31.19 -0.32
CA LYS A 426 -11.47 -31.54 -1.62
C LYS A 426 -12.42 -31.28 -2.78
N LYS A 427 -13.72 -31.29 -2.50
CA LYS A 427 -14.67 -30.83 -3.51
C LYS A 427 -14.53 -29.33 -3.79
N GLY A 428 -14.27 -28.53 -2.75
CA GLY A 428 -14.05 -27.12 -2.96
C GLY A 428 -12.75 -26.94 -3.73
N LEU A 429 -11.71 -27.67 -3.34
CA LEU A 429 -10.42 -27.55 -4.02
C LEU A 429 -10.56 -27.86 -5.52
N ALA A 430 -11.43 -28.81 -5.88
CA ALA A 430 -11.56 -29.19 -7.29
C ALA A 430 -12.33 -28.14 -8.09
N ALA A 431 -13.18 -27.37 -7.42
CA ALA A 431 -13.92 -26.31 -8.11
C ALA A 431 -13.08 -25.09 -8.39
N ILE A 432 -12.03 -24.86 -7.58
CA ILE A 432 -11.23 -23.64 -7.71
C ILE A 432 -10.08 -23.88 -8.67
N LYS A 433 -9.84 -22.99 -9.60
CA LYS A 433 -8.80 -23.21 -10.58
C LYS A 433 -7.98 -21.95 -10.82
N PHE A 434 -6.67 -22.09 -10.75
CA PHE A 434 -5.80 -21.14 -11.35
C PHE A 434 -4.57 -21.85 -11.91
N GLU A 435 -4.05 -21.29 -12.99
CA GLU A 435 -2.86 -21.83 -13.65
C GLU A 435 -1.68 -22.12 -12.67
N GLY A 436 -1.35 -23.39 -12.49
CA GLY A 436 -0.20 -23.75 -11.69
C GLY A 436 -0.52 -23.93 -10.22
N ALA A 437 -1.81 -23.92 -9.88
CA ALA A 437 -2.21 -24.20 -8.51
C ALA A 437 -1.61 -25.51 -7.99
N ILE A 438 -1.08 -25.53 -6.78
CA ILE A 438 -0.74 -26.79 -6.15
C ILE A 438 -1.44 -26.86 -4.81
N TYR A 439 -1.75 -28.07 -4.36
CA TYR A 439 -2.19 -28.27 -3.02
C TYR A 439 -2.05 -29.73 -2.64
N ARG A 440 -2.03 -30.02 -1.33
CA ARG A 440 -2.02 -31.40 -0.87
C ARG A 440 -3.41 -32.00 -0.71
N LYS A 441 -3.52 -33.28 -1.07
CA LYS A 441 -4.77 -34.00 -0.98
C LYS A 441 -4.75 -34.96 0.23
N ASP A 442 -3.76 -34.85 1.10
CA ASP A 442 -3.67 -35.73 2.27
C ASP A 442 -3.58 -35.04 3.64
N ILE A 443 -3.99 -33.77 3.75
CA ILE A 443 -3.95 -33.06 5.03
C ILE A 443 -4.66 -33.85 6.12
N GLY A 444 -3.94 -34.19 7.17
CA GLY A 444 -4.57 -34.86 8.28
C GLY A 444 -4.24 -36.32 8.27
N PHE A 445 -3.44 -36.75 7.31
CA PHE A 445 -3.24 -38.18 7.14
C PHE A 445 -2.73 -38.88 8.38
N ARG A 446 -1.98 -38.17 9.22
CA ARG A 446 -1.40 -38.80 10.40
C ARG A 446 -2.40 -38.91 11.52
N ALA A 447 -3.21 -37.87 11.70
CA ALA A 447 -4.29 -37.93 12.67
C ALA A 447 -5.24 -39.07 12.34
N ILE A 448 -5.51 -39.24 11.06
CA ILE A 448 -6.40 -40.31 10.63
C ILE A 448 -5.77 -41.66 10.94
N ALA A 449 -4.46 -41.76 10.74
CA ALA A 449 -3.75 -43.01 11.03
C ALA A 449 -3.65 -43.26 12.54
N PHE A 450 -3.61 -42.17 13.32
CA PHE A 450 -3.56 -42.30 14.77
C PHE A 450 -4.80 -43.01 15.33
N LEU A 451 -5.98 -42.67 14.80
CA LEU A 451 -7.25 -43.12 15.40
C LEU A 451 -7.41 -44.65 15.49
N SER B 22 -24.97 23.45 5.77
CA SER B 22 -23.92 22.37 5.83
C SER B 22 -22.88 22.50 4.71
N MET B 23 -23.35 23.01 3.56
CA MET B 23 -22.45 23.55 2.52
C MET B 23 -21.90 24.91 2.99
N ALA B 24 -20.90 24.87 3.87
CA ALA B 24 -20.38 26.07 4.48
C ALA B 24 -19.27 26.74 3.64
N ALA B 25 -18.29 25.96 3.19
CA ALA B 25 -16.98 26.48 2.69
C ALA B 25 -16.93 27.21 1.34
N ARG B 26 -16.11 28.26 1.29
CA ARG B 26 -15.69 28.86 0.02
C ARG B 26 -14.23 28.56 -0.21
N VAL B 27 -13.89 28.27 -1.46
CA VAL B 27 -12.54 27.89 -1.79
C VAL B 27 -12.08 28.64 -3.02
N LEU B 28 -10.77 28.90 -3.09
CA LEU B 28 -10.22 29.67 -4.17
C LEU B 28 -9.14 28.91 -4.86
N ILE B 29 -9.18 28.90 -6.20
CA ILE B 29 -8.16 28.24 -6.99
C ILE B 29 -7.38 29.28 -7.80
N ILE B 30 -6.06 29.13 -7.86
CA ILE B 30 -5.26 30.08 -8.60
C ILE B 30 -4.95 29.46 -9.94
N GLY B 31 -5.23 30.16 -11.04
CA GLY B 31 -4.87 29.65 -12.37
C GLY B 31 -6.04 29.83 -13.33
N SER B 32 -5.91 29.36 -14.56
CA SER B 32 -6.94 29.68 -15.55
C SER B 32 -6.97 28.67 -16.68
N GLY B 33 -6.34 27.51 -16.45
CA GLY B 33 -6.28 26.40 -17.43
C GLY B 33 -7.26 25.26 -17.18
N GLY B 34 -7.09 24.17 -17.92
CA GLY B 34 -8.04 23.04 -17.83
C GLY B 34 -7.87 22.29 -16.51
N ARG B 35 -6.64 22.30 -16.02
CA ARG B 35 -6.29 21.82 -14.67
C ARG B 35 -7.16 22.49 -13.61
N GLU B 36 -7.21 23.81 -13.68
CA GLU B 36 -7.96 24.59 -12.72
C GLU B 36 -9.46 24.39 -12.91
N HIS B 37 -9.92 24.27 -14.16
CA HIS B 37 -11.34 23.88 -14.34
C HIS B 37 -11.63 22.53 -13.67
N THR B 38 -10.82 21.52 -13.91
CA THR B 38 -11.05 20.24 -13.26
C THR B 38 -11.07 20.33 -11.73
N LEU B 39 -10.12 21.07 -11.17
CA LEU B 39 -10.06 21.23 -9.69
C LEU B 39 -11.35 21.87 -9.22
N ALA B 40 -11.80 22.88 -9.95
CA ALA B 40 -13.02 23.60 -9.56
C ALA B 40 -14.24 22.69 -9.63
N TRP B 41 -14.41 22.05 -10.79
CA TRP B 41 -15.43 21.01 -11.00
C TRP B 41 -15.43 19.98 -9.87
N LYS B 42 -14.26 19.43 -9.55
CA LYS B 42 -14.22 18.40 -8.55
C LYS B 42 -14.48 18.88 -7.12
N LEU B 43 -13.98 20.06 -6.76
CA LEU B 43 -14.28 20.64 -5.45
C LEU B 43 -15.78 21.04 -5.34
N ALA B 44 -16.38 21.45 -6.45
CA ALA B 44 -17.79 21.84 -6.41
C ALA B 44 -18.72 20.67 -6.06
N GLN B 45 -18.29 19.42 -6.27
CA GLN B 45 -19.12 18.25 -5.96
C GLN B 45 -19.21 17.99 -4.48
N SER B 46 -18.31 18.59 -3.72
CA SER B 46 -18.37 18.40 -2.29
C SER B 46 -19.66 18.98 -1.72
N HIS B 47 -20.25 18.23 -0.80
CA HIS B 47 -21.35 18.72 0.00
C HIS B 47 -20.90 19.72 1.01
N HIS B 48 -19.59 19.81 1.26
CA HIS B 48 -19.08 20.81 2.22
C HIS B 48 -18.87 22.19 1.58
N VAL B 49 -19.04 22.30 0.26
CA VAL B 49 -18.57 23.46 -0.45
C VAL B 49 -19.75 24.22 -0.98
N LYS B 50 -19.86 25.49 -0.63
CA LYS B 50 -20.89 26.29 -1.26
C LYS B 50 -20.42 27.13 -2.43
N GLN B 51 -19.13 27.47 -2.47
CA GLN B 51 -18.62 28.32 -3.55
C GLN B 51 -17.16 28.02 -3.91
N VAL B 52 -16.89 27.97 -5.20
CA VAL B 52 -15.52 27.94 -5.64
C VAL B 52 -15.25 29.20 -6.45
N LEU B 53 -14.15 29.89 -6.17
CA LEU B 53 -13.74 31.05 -6.92
C LEU B 53 -12.45 30.66 -7.62
N VAL B 54 -12.25 31.17 -8.82
CA VAL B 54 -11.09 30.83 -9.61
C VAL B 54 -10.44 32.09 -10.15
N ALA B 55 -9.11 32.18 -10.02
CA ALA B 55 -8.42 33.43 -10.24
C ALA B 55 -7.33 33.33 -11.26
N PRO B 56 -7.57 33.80 -12.49
CA PRO B 56 -8.80 34.42 -13.04
C PRO B 56 -9.85 33.53 -13.69
N GLY B 57 -9.57 32.25 -13.92
CA GLY B 57 -10.53 31.36 -14.55
C GLY B 57 -10.60 31.54 -16.07
N ASN B 58 -11.68 31.05 -16.66
CA ASN B 58 -11.89 31.14 -18.08
C ASN B 58 -13.41 31.00 -18.24
N ALA B 59 -13.90 30.76 -19.45
CA ALA B 59 -15.35 30.70 -19.66
C ALA B 59 -15.99 29.47 -19.03
N GLY B 60 -15.29 28.34 -18.99
CA GLY B 60 -15.86 27.13 -18.39
C GLY B 60 -16.12 27.29 -16.92
N THR B 61 -15.28 28.05 -16.24
CA THR B 61 -15.48 28.29 -14.81
C THR B 61 -16.26 29.56 -14.51
N ALA B 62 -16.54 30.37 -15.54
CA ALA B 62 -17.26 31.65 -15.36
C ALA B 62 -18.63 31.55 -14.71
N CYS B 63 -19.31 30.43 -14.86
CA CYS B 63 -20.68 30.36 -14.39
C CYS B 63 -21.15 28.92 -14.39
N SER B 64 -21.03 28.24 -13.25
CA SER B 64 -21.45 26.85 -13.15
C SER B 64 -21.78 26.50 -11.73
N GLU B 65 -23.06 26.22 -11.47
CA GLU B 65 -23.45 25.78 -10.15
C GLU B 65 -22.77 26.74 -9.17
N LYS B 66 -21.70 26.27 -8.54
CA LYS B 66 -21.10 27.05 -7.47
C LYS B 66 -19.75 27.66 -7.86
N ILE B 67 -19.45 27.71 -9.13
CA ILE B 67 -18.13 28.14 -9.56
C ILE B 67 -18.25 29.49 -10.23
N SER B 68 -17.39 30.44 -9.87
CA SER B 68 -17.30 31.66 -10.68
C SER B 68 -15.87 32.25 -10.66
N ASN B 69 -15.66 33.36 -11.38
CA ASN B 69 -14.31 33.91 -11.53
C ASN B 69 -14.06 35.14 -10.67
N THR B 70 -12.78 35.44 -10.45
CA THR B 70 -12.44 36.64 -9.72
C THR B 70 -11.18 37.22 -10.30
N ALA B 71 -11.16 38.55 -10.38
CA ALA B 71 -10.05 39.30 -10.97
C ALA B 71 -8.98 39.71 -9.92
N ILE B 72 -9.13 39.24 -8.68
CA ILE B 72 -8.14 39.53 -7.62
C ILE B 72 -6.73 39.33 -8.14
N SER B 73 -5.81 40.22 -7.82
CA SER B 73 -4.41 39.97 -8.19
C SER B 73 -3.82 38.68 -7.58
N ILE B 74 -3.23 37.82 -8.38
CA ILE B 74 -2.65 36.63 -7.77
C ILE B 74 -1.19 36.85 -7.46
N SER B 75 -0.65 37.98 -7.89
CA SER B 75 0.74 38.24 -7.60
C SER B 75 0.99 39.17 -6.40
N ASP B 76 -0.02 39.93 -5.96
CA ASP B 76 0.04 40.65 -4.66
C ASP B 76 -0.42 39.83 -3.46
N HIS B 77 0.50 39.13 -2.83
CA HIS B 77 0.12 38.14 -1.84
C HIS B 77 -0.49 38.73 -0.57
N THR B 78 -0.03 39.91 -0.17
CA THR B 78 -0.65 40.61 0.97
C THR B 78 -2.15 40.81 0.75
N ALA B 79 -2.50 41.38 -0.40
CA ALA B 79 -3.88 41.65 -0.75
C ALA B 79 -4.66 40.37 -1.01
N LEU B 80 -4.02 39.39 -1.66
CA LEU B 80 -4.64 38.11 -1.85
C LEU B 80 -4.97 37.50 -0.46
N ALA B 81 -4.04 37.58 0.48
CA ALA B 81 -4.32 37.05 1.81
C ALA B 81 -5.50 37.79 2.44
N GLN B 82 -5.47 39.13 2.31
CA GLN B 82 -6.53 39.98 2.81
C GLN B 82 -7.90 39.65 2.19
N PHE B 83 -7.93 39.46 0.87
CA PHE B 83 -9.16 39.09 0.16
C PHE B 83 -9.71 37.78 0.73
N CYS B 84 -8.85 36.78 0.91
CA CYS B 84 -9.29 35.52 1.51
C CYS B 84 -9.95 35.71 2.87
N LYS B 85 -9.36 36.57 3.69
CA LYS B 85 -9.91 36.79 5.04
C LYS B 85 -11.28 37.46 4.94
N GLU B 86 -11.38 38.51 4.13
CA GLU B 86 -12.65 39.23 3.98
C GLU B 86 -13.70 38.34 3.35
N LYS B 87 -13.35 37.54 2.36
CA LYS B 87 -14.36 36.72 1.75
C LYS B 87 -14.60 35.42 2.51
N LYS B 88 -13.88 35.22 3.60
CA LYS B 88 -13.93 33.97 4.38
C LYS B 88 -13.66 32.72 3.49
N ILE B 89 -12.59 32.82 2.68
CA ILE B 89 -12.10 31.71 1.91
C ILE B 89 -11.41 30.76 2.86
N GLU B 90 -11.78 29.49 2.87
CA GLU B 90 -11.16 28.55 3.77
C GLU B 90 -9.73 28.08 3.42
N PHE B 91 -9.48 27.85 2.14
CA PHE B 91 -8.12 27.66 1.71
C PHE B 91 -7.98 27.99 0.24
N VAL B 92 -6.73 28.20 -0.18
CA VAL B 92 -6.36 28.44 -1.58
C VAL B 92 -5.74 27.16 -2.19
N VAL B 93 -6.12 26.82 -3.42
CA VAL B 93 -5.44 25.72 -4.11
C VAL B 93 -4.65 26.30 -5.26
N VAL B 94 -3.37 26.00 -5.33
CA VAL B 94 -2.55 26.56 -6.40
C VAL B 94 -2.42 25.56 -7.55
N GLY B 95 -2.87 25.93 -8.75
CA GLY B 95 -2.75 25.06 -9.92
C GLY B 95 -1.36 24.97 -10.59
N PRO B 96 -0.81 26.11 -11.03
CA PRO B 96 0.49 26.10 -11.72
C PRO B 96 1.72 26.25 -10.81
N GLU B 97 2.90 25.94 -11.35
CA GLU B 97 4.15 25.96 -10.60
C GLU B 97 4.63 27.38 -10.29
N ALA B 98 4.41 28.32 -11.20
CA ALA B 98 4.97 29.66 -11.01
C ALA B 98 4.68 30.33 -9.63
N PRO B 99 3.40 30.42 -9.20
CA PRO B 99 3.19 31.06 -7.88
C PRO B 99 3.88 30.33 -6.74
N LEU B 100 4.02 29.01 -6.85
CA LEU B 100 4.66 28.25 -5.77
C LEU B 100 6.15 28.62 -5.65
N ALA B 101 6.83 28.71 -6.80
CA ALA B 101 8.25 29.03 -6.82
C ALA B 101 8.41 30.45 -6.35
N ALA B 102 7.33 31.22 -6.49
CA ALA B 102 7.35 32.58 -5.97
C ALA B 102 6.98 32.66 -4.48
N GLY B 103 6.74 31.55 -3.78
CA GLY B 103 6.53 31.63 -2.30
C GLY B 103 5.09 31.97 -1.91
N ILE B 104 4.14 31.69 -2.79
CA ILE B 104 2.76 31.98 -2.47
C ILE B 104 2.31 31.27 -1.19
N VAL B 105 2.78 30.05 -0.97
CA VAL B 105 2.29 29.30 0.18
C VAL B 105 2.76 29.87 1.52
N GLY B 106 4.08 30.12 1.63
CA GLY B 106 4.64 30.73 2.84
C GLY B 106 4.06 32.11 3.08
N ASN B 107 3.96 32.93 2.04
CA ASN B 107 3.34 34.25 2.20
C ASN B 107 1.92 34.22 2.75
N LEU B 108 1.04 33.43 2.13
CA LEU B 108 -0.33 33.30 2.64
C LEU B 108 -0.35 32.68 4.04
N ARG B 109 0.53 31.71 4.31
CA ARG B 109 0.50 31.04 5.61
C ARG B 109 0.85 32.03 6.70
N SER B 110 1.81 32.90 6.43
CA SER B 110 2.16 33.77 7.53
C SER B 110 1.14 34.89 7.66
N ALA B 111 0.31 35.11 6.65
CA ALA B 111 -0.78 36.05 6.86
C ALA B 111 -2.06 35.38 7.44
N GLY B 112 -1.95 34.09 7.81
CA GLY B 112 -3.08 33.39 8.42
C GLY B 112 -4.05 32.74 7.44
N VAL B 113 -3.60 32.48 6.21
CA VAL B 113 -4.47 31.89 5.22
C VAL B 113 -3.94 30.53 4.81
N GLN B 114 -4.80 29.52 4.89
CA GLN B 114 -4.39 28.19 4.50
C GLN B 114 -4.20 28.11 2.98
N CYS B 115 -3.13 27.46 2.55
CA CYS B 115 -2.80 27.33 1.16
C CYS B 115 -2.25 25.93 0.83
N PHE B 116 -2.89 25.20 -0.06
CA PHE B 116 -2.47 23.85 -0.41
C PHE B 116 -1.32 23.95 -1.41
N GLY B 117 -0.22 23.24 -1.15
CA GLY B 117 0.99 23.37 -1.99
C GLY B 117 2.26 23.39 -1.15
N PRO B 118 3.41 23.17 -1.79
CA PRO B 118 4.73 23.26 -1.12
C PRO B 118 5.22 24.68 -0.93
N THR B 119 6.05 24.91 0.10
CA THR B 119 6.80 26.19 0.17
C THR B 119 7.74 26.31 -1.02
N ALA B 120 8.26 27.51 -1.27
CA ALA B 120 9.28 27.68 -2.31
C ALA B 120 10.53 26.89 -2.01
N GLU B 121 10.88 26.75 -0.74
CA GLU B 121 12.05 25.95 -0.38
C GLU B 121 11.84 24.50 -0.84
N ALA B 122 10.66 23.96 -0.59
CA ALA B 122 10.34 22.59 -0.97
C ALA B 122 10.15 22.44 -2.48
N ALA B 123 9.70 23.49 -3.19
CA ALA B 123 9.46 23.35 -4.66
C ALA B 123 10.78 23.43 -5.42
N GLN B 124 11.87 23.54 -4.68
CA GLN B 124 13.21 23.37 -5.29
C GLN B 124 13.36 22.01 -5.97
N LEU B 125 12.54 21.02 -5.58
CA LEU B 125 12.60 19.74 -6.26
C LEU B 125 12.26 19.93 -7.73
N GLU B 126 11.36 20.89 -8.00
CA GLU B 126 11.07 21.23 -9.38
C GLU B 126 11.98 22.34 -9.91
N SER B 127 12.23 23.39 -9.13
CA SER B 127 12.73 24.62 -9.74
C SER B 127 14.22 24.61 -10.00
N SER B 128 14.93 23.65 -9.41
CA SER B 128 16.36 23.53 -9.62
C SER B 128 16.74 22.07 -9.81
N LYS B 129 17.04 21.70 -11.04
CA LYS B 129 17.32 20.30 -11.32
C LYS B 129 18.56 19.81 -10.60
N ARG B 130 19.48 20.73 -10.32
CA ARG B 130 20.69 20.40 -9.62
C ARG B 130 20.33 20.01 -8.20
N PHE B 131 19.55 20.84 -7.53
CA PHE B 131 19.08 20.52 -6.18
C PHE B 131 18.38 19.15 -6.14
N ALA B 132 17.46 18.90 -7.05
CA ALA B 132 16.74 17.64 -7.05
C ALA B 132 17.67 16.44 -7.19
N LYS B 133 18.63 16.56 -8.12
CA LYS B 133 19.58 15.48 -8.35
C LYS B 133 20.47 15.29 -7.13
N GLU B 134 20.86 16.38 -6.49
CA GLU B 134 21.74 16.24 -5.34
C GLU B 134 20.96 15.66 -4.20
N PHE B 135 19.72 16.10 -4.07
CA PHE B 135 18.84 15.62 -3.03
C PHE B 135 18.64 14.11 -3.16
N MET B 136 18.38 13.67 -4.39
CA MET B 136 18.18 12.26 -4.65
C MET B 136 19.37 11.41 -4.24
N ASP B 137 20.58 11.82 -4.62
CA ASP B 137 21.79 11.09 -4.24
C ASP B 137 21.91 11.08 -2.72
N ARG B 138 21.56 12.20 -2.11
CA ARG B 138 21.67 12.30 -0.68
C ARG B 138 20.83 11.23 0.02
N HIS B 139 19.72 10.80 -0.57
CA HIS B 139 18.81 9.87 0.13
C HIS B 139 18.58 8.56 -0.60
N GLY B 140 19.47 8.18 -1.50
CA GLY B 140 19.35 6.92 -2.23
C GLY B 140 18.08 6.76 -3.06
N ILE B 141 17.58 7.85 -3.63
CA ILE B 141 16.44 7.82 -4.53
C ILE B 141 16.97 7.57 -5.94
N PRO B 142 16.49 6.52 -6.64
CA PRO B 142 17.16 6.09 -7.87
C PRO B 142 16.82 6.99 -9.08
N THR B 143 17.79 7.18 -9.96
CA THR B 143 17.75 8.24 -10.96
C THR B 143 18.93 8.06 -11.92
N ALA B 144 18.95 8.79 -13.02
CA ALA B 144 20.06 8.61 -13.97
C ALA B 144 21.35 9.11 -13.36
N GLN B 145 22.45 8.40 -13.61
CA GLN B 145 23.76 8.97 -13.27
C GLN B 145 23.89 10.34 -13.92
N TRP B 146 24.61 11.25 -13.27
CA TRP B 146 24.56 12.65 -13.69
C TRP B 146 25.77 13.43 -13.18
N LYS B 147 25.93 14.66 -13.66
CA LYS B 147 26.87 15.61 -13.08
C LYS B 147 26.42 17.00 -13.48
N ALA B 148 26.74 18.00 -12.68
CA ALA B 148 26.32 19.36 -13.01
C ALA B 148 27.51 20.20 -13.39
N PHE B 149 27.26 21.28 -14.11
CA PHE B 149 28.34 22.09 -14.62
C PHE B 149 27.95 23.56 -14.74
N THR B 150 28.92 24.45 -14.47
CA THR B 150 28.79 25.89 -14.71
C THR B 150 29.73 26.36 -15.85
N LYS B 151 30.67 25.51 -16.28
CA LYS B 151 31.50 25.77 -17.46
C LYS B 151 31.16 24.80 -18.61
N PRO B 152 30.94 25.32 -19.82
CA PRO B 152 30.74 24.48 -21.01
C PRO B 152 31.91 23.53 -21.26
N GLU B 153 33.14 24.02 -21.16
CA GLU B 153 34.30 23.19 -21.39
C GLU B 153 34.30 21.89 -20.54
N GLU B 154 34.09 21.99 -19.23
CA GLU B 154 34.12 20.81 -18.36
C GLU B 154 32.97 19.86 -18.66
N ALA B 155 31.88 20.42 -19.16
CA ALA B 155 30.76 19.60 -19.50
C ALA B 155 31.10 18.73 -20.70
N CYS B 156 31.84 19.28 -21.66
CA CYS B 156 32.22 18.49 -22.80
C CYS B 156 33.16 17.39 -22.40
N SER B 157 34.12 17.71 -21.54
CA SER B 157 35.01 16.69 -21.01
C SER B 157 34.22 15.45 -20.58
N PHE B 158 33.13 15.70 -19.89
CA PHE B 158 32.41 14.67 -19.21
C PHE B 158 31.58 13.93 -20.24
N ILE B 159 31.05 14.67 -21.20
CA ILE B 159 30.29 14.04 -22.24
C ILE B 159 31.23 13.12 -23.00
N LEU B 160 32.41 13.62 -23.33
CA LEU B 160 33.31 12.87 -24.14
C LEU B 160 33.89 11.66 -23.40
N SER B 161 34.10 11.77 -22.09
CA SER B 161 34.86 10.73 -21.40
C SER B 161 34.03 9.75 -20.60
N ALA B 162 32.74 10.06 -20.42
CA ALA B 162 31.84 9.16 -19.73
C ALA B 162 31.62 7.87 -20.52
N ASP B 163 31.56 6.78 -19.75
CA ASP B 163 31.40 5.43 -20.26
C ASP B 163 29.92 5.15 -20.56
N PHE B 164 29.05 5.69 -19.71
CA PHE B 164 27.60 5.59 -19.90
C PHE B 164 27.10 6.68 -20.84
N PRO B 165 26.09 6.37 -21.69
CA PRO B 165 25.60 7.38 -22.64
C PRO B 165 25.13 8.70 -21.98
N ALA B 166 26.07 9.55 -21.58
CA ALA B 166 25.74 10.86 -21.03
C ALA B 166 25.23 11.79 -22.13
N LEU B 167 23.95 11.66 -22.46
CA LEU B 167 23.39 12.29 -23.66
C LEU B 167 22.20 13.21 -23.37
N VAL B 168 21.82 13.36 -22.11
CA VAL B 168 20.67 14.20 -21.79
C VAL B 168 21.13 15.46 -21.09
N VAL B 169 20.90 16.61 -21.71
CA VAL B 169 21.46 17.83 -21.14
C VAL B 169 20.35 18.82 -20.84
N LYS B 170 20.35 19.25 -19.58
CA LYS B 170 19.21 19.91 -18.96
C LYS B 170 19.60 21.22 -18.31
N ALA B 171 18.95 22.30 -18.74
CA ALA B 171 19.06 23.58 -18.05
C ALA B 171 18.49 23.41 -16.66
N SER B 172 19.12 24.03 -15.67
CA SER B 172 18.71 23.81 -14.29
C SER B 172 17.45 24.60 -13.91
N GLY B 173 17.34 25.84 -14.40
CA GLY B 173 16.21 26.71 -14.09
C GLY B 173 14.97 26.25 -14.84
N LEU B 174 13.79 26.58 -14.33
CA LEU B 174 12.54 26.28 -15.06
C LEU B 174 12.27 27.38 -16.10
N ALA B 175 12.17 27.00 -17.38
CA ALA B 175 12.00 27.99 -18.47
C ALA B 175 10.92 27.60 -19.49
N GLY B 179 13.68 23.38 -21.68
CA GLY B 179 15.15 23.43 -21.60
C GLY B 179 15.77 22.07 -21.27
N VAL B 180 15.38 21.04 -22.03
CA VAL B 180 15.93 19.71 -21.92
C VAL B 180 16.21 19.21 -23.32
N ILE B 181 17.45 18.84 -23.63
CA ILE B 181 17.70 18.27 -24.95
C ILE B 181 18.15 16.83 -24.80
N VAL B 182 17.49 15.90 -25.50
CA VAL B 182 17.95 14.53 -25.47
C VAL B 182 18.74 14.35 -26.73
N ALA B 183 20.05 14.40 -26.62
CA ALA B 183 20.90 14.28 -27.78
C ALA B 183 21.11 12.81 -28.08
N LYS B 184 21.48 12.50 -29.33
CA LYS B 184 21.63 11.12 -29.79
C LYS B 184 23.08 10.79 -30.14
N SER B 185 23.96 11.77 -30.06
CA SER B 185 25.39 11.50 -30.17
C SER B 185 26.16 12.39 -29.21
N LYS B 186 27.36 11.96 -28.84
CA LYS B 186 28.29 12.82 -28.10
C LYS B 186 28.44 14.21 -28.74
N GLU B 187 28.64 14.24 -30.05
CA GLU B 187 28.64 15.50 -30.78
C GLU B 187 27.40 16.37 -30.49
N GLU B 188 26.21 15.80 -30.66
CA GLU B 188 24.95 16.52 -30.41
C GLU B 188 24.86 17.02 -28.97
N ALA B 189 25.30 16.22 -28.01
CA ALA B 189 25.25 16.66 -26.61
C ALA B 189 26.16 17.84 -26.36
N CYS B 190 27.32 17.90 -27.05
CA CYS B 190 28.23 19.03 -26.94
C CYS B 190 27.64 20.32 -27.52
N LYS B 191 27.06 20.21 -28.70
CA LYS B 191 26.33 21.34 -29.29
C LYS B 191 25.18 21.75 -28.38
N ALA B 192 24.52 20.76 -27.78
CA ALA B 192 23.44 21.07 -26.86
C ALA B 192 23.96 21.85 -25.65
N VAL B 193 25.19 21.59 -25.24
CA VAL B 193 25.77 22.30 -24.11
C VAL B 193 26.01 23.76 -24.43
N GLN B 194 26.39 24.04 -25.67
CA GLN B 194 26.66 25.43 -26.09
C GLN B 194 25.41 26.24 -26.37
N GLU B 195 24.41 25.62 -26.97
CA GLU B 195 23.14 26.29 -27.18
C GLU B 195 22.54 26.72 -25.85
N ILE B 196 22.74 25.90 -24.81
CA ILE B 196 22.08 26.13 -23.52
C ILE B 196 22.86 27.09 -22.62
N MET B 197 24.18 27.03 -22.63
CA MET B 197 24.95 28.11 -22.01
C MET B 197 25.03 29.33 -22.93
N GLN B 198 23.87 29.65 -23.54
CA GLN B 198 23.71 30.76 -24.52
C GLN B 198 22.42 31.59 -24.29
N GLU B 199 21.25 31.01 -24.59
CA GLU B 199 19.97 31.72 -24.49
C GLU B 199 18.77 30.77 -24.58
N LYS B 200 17.62 31.24 -24.09
CA LYS B 200 16.41 30.42 -23.94
C LYS B 200 16.57 29.46 -22.78
N ALA B 205 18.47 31.72 -17.93
CA ALA B 205 17.56 30.70 -17.41
C ALA B 205 18.27 29.34 -17.20
N GLY B 206 19.50 29.26 -17.69
CA GLY B 206 20.29 28.03 -17.60
C GLY B 206 21.80 28.24 -17.49
N GLU B 207 22.22 28.82 -16.37
CA GLU B 207 23.65 29.05 -16.06
C GLU B 207 24.32 27.89 -15.31
N THR B 208 23.50 26.95 -14.83
CA THR B 208 23.99 25.63 -14.43
C THR B 208 23.31 24.61 -15.34
N ILE B 209 24.04 23.57 -15.73
CA ILE B 209 23.39 22.48 -16.47
C ILE B 209 23.60 21.16 -15.77
N VAL B 210 22.67 20.26 -16.01
CA VAL B 210 22.82 18.89 -15.59
C VAL B 210 22.94 18.03 -16.82
N ILE B 211 24.00 17.25 -16.87
CA ILE B 211 24.14 16.25 -17.89
C ILE B 211 23.85 14.92 -17.22
N GLU B 212 23.02 14.10 -17.86
CA GLU B 212 22.70 12.80 -17.31
C GLU B 212 22.54 11.70 -18.35
N GLU B 213 22.61 10.47 -17.86
CA GLU B 213 22.55 9.28 -18.68
C GLU B 213 21.19 9.07 -19.38
N LEU B 214 21.22 8.53 -20.59
CA LEU B 214 20.03 8.38 -21.35
C LEU B 214 19.49 6.99 -21.07
N LEU B 215 18.37 6.95 -20.35
CA LEU B 215 17.72 5.70 -20.00
C LEU B 215 16.76 5.31 -21.09
N ASP B 216 16.43 4.03 -21.21
CA ASP B 216 15.20 3.72 -21.95
C ASP B 216 14.19 2.99 -21.08
N GLY B 217 12.96 2.91 -21.55
CA GLY B 217 11.87 2.26 -20.85
C GLY B 217 10.64 3.08 -21.15
N GLU B 218 9.54 2.87 -20.42
CA GLU B 218 8.40 3.75 -20.57
C GLU B 218 8.35 4.80 -19.45
N GLU B 219 7.89 6.00 -19.82
CA GLU B 219 7.68 7.09 -18.87
C GLU B 219 6.24 7.06 -18.30
N VAL B 220 6.10 7.27 -16.98
CA VAL B 220 4.79 7.36 -16.36
C VAL B 220 4.85 8.45 -15.31
N SER B 221 3.70 9.06 -15.02
CA SER B 221 3.60 10.07 -13.99
C SER B 221 3.02 9.49 -12.72
N CYS B 222 3.77 9.61 -11.64
CA CYS B 222 3.36 9.07 -10.36
C CYS B 222 3.28 10.23 -9.37
N LEU B 223 2.06 10.43 -8.86
CA LEU B 223 1.72 11.57 -8.09
C LEU B 223 1.30 11.08 -6.73
N CYS B 224 1.26 12.00 -5.78
CA CYS B 224 0.67 11.71 -4.49
C CYS B 224 0.23 12.97 -3.80
N PHE B 225 -0.71 12.84 -2.88
CA PHE B 225 -1.01 13.91 -1.95
C PHE B 225 -0.10 13.63 -0.79
N THR B 226 0.42 14.69 -0.13
CA THR B 226 1.14 14.50 1.10
C THR B 226 0.99 15.69 2.04
N ASP B 227 0.87 15.42 3.34
CA ASP B 227 0.95 16.39 4.42
C ASP B 227 2.34 16.49 5.00
N GLY B 228 3.30 15.89 4.31
CA GLY B 228 4.69 16.10 4.69
C GLY B 228 5.16 14.90 5.50
N LYS B 229 4.23 14.04 5.92
CA LYS B 229 4.61 12.83 6.63
C LYS B 229 3.92 11.57 6.02
N THR B 230 2.62 11.66 5.79
CA THR B 230 1.87 10.60 5.16
C THR B 230 1.86 10.85 3.66
N VAL B 231 1.99 9.78 2.88
CA VAL B 231 1.97 9.82 1.42
C VAL B 231 0.82 8.95 0.88
N ALA B 232 -0.10 9.56 0.15
CA ALA B 232 -1.20 8.88 -0.51
C ALA B 232 -1.06 8.90 -2.07
N PRO B 233 -0.67 7.77 -2.65
CA PRO B 233 -0.37 7.77 -4.11
C PRO B 233 -1.59 7.86 -5.05
N MET B 234 -1.46 8.52 -6.20
CA MET B 234 -2.54 8.50 -7.17
C MET B 234 -2.25 7.38 -8.17
N PRO B 235 -3.27 6.91 -8.90
CA PRO B 235 -2.91 5.88 -9.88
C PRO B 235 -2.03 6.54 -10.94
N PRO B 236 -1.12 5.79 -11.55
CA PRO B 236 -0.10 6.39 -12.42
C PRO B 236 -0.75 6.76 -13.73
N ALA B 237 -0.14 7.72 -14.45
CA ALA B 237 -0.73 8.25 -15.65
C ALA B 237 0.30 8.48 -16.75
N GLN B 238 -0.16 8.67 -17.98
CA GLN B 238 0.72 9.04 -19.10
C GLN B 238 0.08 10.11 -19.95
N ASP B 239 0.89 10.89 -20.62
CA ASP B 239 0.37 11.88 -21.54
C ASP B 239 1.08 11.82 -22.89
N HIS B 240 0.60 12.61 -23.84
CA HIS B 240 1.22 12.69 -25.15
C HIS B 240 1.51 14.15 -25.39
N LYS B 241 2.79 14.46 -25.53
CA LYS B 241 3.24 15.83 -25.73
C LYS B 241 3.27 16.24 -27.21
N ARG B 242 3.59 15.28 -28.07
CA ARG B 242 3.68 15.50 -29.50
C ARG B 242 2.35 15.95 -30.11
N LEU B 243 2.45 16.81 -31.13
CA LEU B 243 1.30 17.40 -31.78
C LEU B 243 0.56 16.43 -32.71
N LEU B 244 1.30 15.62 -33.46
CA LEU B 244 0.67 14.78 -34.48
C LEU B 244 0.39 13.33 -34.04
N GLU B 245 -0.65 12.76 -34.63
CA GLU B 245 -0.95 11.33 -34.53
C GLU B 245 0.29 10.48 -34.84
N GLY B 246 0.48 9.38 -34.11
CA GLY B 246 1.72 8.61 -34.22
C GLY B 246 2.90 9.20 -33.45
N ASP B 247 2.62 10.16 -32.54
CA ASP B 247 3.65 11.00 -31.88
C ASP B 247 4.62 11.67 -32.87
N GLY B 248 4.07 12.35 -33.88
CA GLY B 248 4.91 13.12 -34.81
C GLY B 248 4.84 14.61 -34.47
N GLY B 249 5.59 15.42 -35.23
CA GLY B 249 5.55 16.86 -35.08
C GLY B 249 6.30 17.40 -33.87
N PRO B 250 6.10 18.70 -33.56
CA PRO B 250 6.78 19.39 -32.45
C PRO B 250 6.15 19.08 -31.11
N ASN B 251 6.88 19.34 -30.04
CA ASN B 251 6.32 19.18 -28.71
C ASN B 251 5.33 20.25 -28.34
N THR B 252 4.40 19.89 -27.46
CA THR B 252 3.39 20.83 -27.01
C THR B 252 3.30 20.75 -25.48
N GLY B 253 2.29 21.41 -24.92
CA GLY B 253 2.05 21.32 -23.49
C GLY B 253 1.43 19.99 -23.09
N GLY B 254 0.91 19.25 -24.09
CA GLY B 254 0.17 18.00 -23.86
C GLY B 254 -1.13 17.95 -24.66
N MET B 255 -1.29 16.94 -25.51
CA MET B 255 -2.44 16.80 -26.39
C MET B 255 -3.44 15.78 -25.89
N GLY B 256 -3.10 15.10 -24.81
CA GLY B 256 -3.96 14.03 -24.30
C GLY B 256 -3.31 13.29 -23.16
N ALA B 257 -4.10 12.60 -22.37
CA ALA B 257 -3.57 11.76 -21.30
C ALA B 257 -4.57 10.67 -21.03
N TYR B 258 -4.19 9.67 -20.25
CA TYR B 258 -5.14 8.63 -19.83
C TYR B 258 -4.63 8.09 -18.52
N CYS B 259 -5.51 7.43 -17.77
CA CYS B 259 -5.17 6.98 -16.42
C CYS B 259 -6.14 5.87 -16.03
N PRO B 260 -5.65 4.78 -15.45
CA PRO B 260 -4.35 4.36 -15.00
C PRO B 260 -3.53 3.80 -16.12
N ALA B 261 -2.21 4.08 -16.13
CA ALA B 261 -1.29 3.47 -17.07
C ALA B 261 -1.13 2.01 -16.73
N PRO B 262 -1.47 1.12 -17.66
CA PRO B 262 -1.45 -0.33 -17.37
C PRO B 262 -0.07 -0.92 -17.21
N GLN B 263 1.00 -0.22 -17.54
CA GLN B 263 2.30 -0.88 -17.48
C GLN B 263 2.91 -0.81 -16.09
N VAL B 264 2.20 -0.16 -15.18
CA VAL B 264 2.58 -0.15 -13.78
C VAL B 264 1.62 -1.06 -12.96
N SER B 265 2.11 -2.20 -12.48
CA SER B 265 1.29 -3.01 -11.59
C SER B 265 1.16 -2.39 -10.19
N ASN B 266 0.24 -2.93 -9.40
CA ASN B 266 0.09 -2.53 -8.00
C ASN B 266 1.40 -2.63 -7.22
N ASP B 267 2.12 -3.72 -7.43
CA ASP B 267 3.36 -3.94 -6.70
C ASP B 267 4.41 -2.89 -7.06
N LEU B 268 4.49 -2.55 -8.35
CA LEU B 268 5.46 -1.61 -8.82
C LEU B 268 5.10 -0.21 -8.30
N LEU B 269 3.81 0.12 -8.30
CA LEU B 269 3.32 1.37 -7.74
C LEU B 269 3.73 1.49 -6.27
N LEU B 270 3.51 0.42 -5.49
CA LEU B 270 4.01 0.40 -4.11
C LEU B 270 5.54 0.55 -4.00
N LYS B 271 6.28 -0.10 -4.87
CA LYS B 271 7.71 0.11 -4.90
C LYS B 271 8.09 1.59 -5.18
N ILE B 272 7.38 2.24 -6.10
CA ILE B 272 7.56 3.65 -6.36
C ILE B 272 7.12 4.52 -5.12
N LYS B 273 5.99 4.20 -4.51
CA LYS B 273 5.61 4.94 -3.34
C LYS B 273 6.74 4.89 -2.32
N ASP B 274 7.23 3.69 -2.00
CA ASP B 274 8.30 3.55 -1.01
C ASP B 274 9.67 4.10 -1.40
N THR B 275 10.18 3.79 -2.59
CA THR B 275 11.57 4.10 -2.87
C THR B 275 11.72 5.50 -3.46
N VAL B 276 10.62 6.08 -3.95
CA VAL B 276 10.65 7.40 -4.52
C VAL B 276 9.83 8.45 -3.73
N LEU B 277 8.51 8.24 -3.68
CA LEU B 277 7.60 9.21 -3.07
C LEU B 277 7.78 9.40 -1.55
N GLN B 278 7.80 8.30 -0.81
CA GLN B 278 7.85 8.40 0.64
C GLN B 278 9.28 8.79 0.99
N ARG B 279 10.22 8.26 0.22
CA ARG B 279 11.62 8.55 0.45
C ARG B 279 11.91 10.04 0.17
N THR B 280 11.22 10.64 -0.82
CA THR B 280 11.44 12.06 -1.08
C THR B 280 10.87 12.94 0.01
N VAL B 281 9.65 12.62 0.40
CA VAL B 281 8.97 13.33 1.46
C VAL B 281 9.66 13.25 2.81
N ASP B 282 10.14 12.05 3.20
CA ASP B 282 10.92 11.89 4.45
C ASP B 282 12.25 12.59 4.36
N GLY B 283 12.87 12.54 3.19
CA GLY B 283 14.17 13.19 3.01
C GLY B 283 14.07 14.71 3.21
N MET B 284 12.95 15.28 2.74
CA MET B 284 12.67 16.71 2.86
C MET B 284 12.35 17.08 4.31
N GLN B 285 11.57 16.26 5.01
CA GLN B 285 11.41 16.49 6.44
C GLN B 285 12.77 16.48 7.18
N GLN B 286 13.62 15.50 6.86
CA GLN B 286 14.89 15.33 7.57
C GLN B 286 15.82 16.53 7.36
N GLU B 287 15.64 17.24 6.25
CA GLU B 287 16.49 18.38 5.95
C GLU B 287 15.91 19.71 6.43
N GLY B 288 14.81 19.66 7.19
CA GLY B 288 14.16 20.87 7.68
C GLY B 288 13.39 21.67 6.63
N THR B 289 12.97 21.00 5.54
CA THR B 289 12.10 21.65 4.57
C THR B 289 10.97 20.69 4.21
N PRO B 290 10.00 20.54 5.12
CA PRO B 290 8.87 19.63 4.86
C PRO B 290 8.23 19.89 3.52
N TYR B 291 7.72 18.85 2.88
CA TYR B 291 7.06 18.96 1.59
C TYR B 291 5.55 18.68 1.75
N THR B 292 4.68 19.61 1.35
CA THR B 292 3.21 19.47 1.57
C THR B 292 2.55 19.76 0.26
N GLY B 293 1.52 18.99 -0.12
CA GLY B 293 0.76 19.32 -1.32
C GLY B 293 0.70 18.15 -2.25
N ILE B 294 0.92 18.38 -3.55
CA ILE B 294 1.03 17.31 -4.55
C ILE B 294 2.51 17.18 -4.87
N LEU B 295 3.03 15.96 -4.79
CA LEU B 295 4.36 15.72 -5.34
C LEU B 295 4.17 14.91 -6.60
N TYR B 296 4.87 15.29 -7.65
CA TYR B 296 4.75 14.63 -8.94
C TYR B 296 6.13 14.05 -9.26
N ALA B 297 6.18 12.77 -9.60
CA ALA B 297 7.43 12.18 -10.03
C ALA B 297 7.29 11.68 -11.44
N GLY B 298 8.12 12.22 -12.34
CA GLY B 298 8.21 11.64 -13.68
C GLY B 298 9.18 10.48 -13.63
N ILE B 299 8.71 9.31 -14.04
CA ILE B 299 9.45 8.08 -13.84
C ILE B 299 9.71 7.31 -15.12
N MET B 300 10.90 6.79 -15.26
CA MET B 300 11.24 5.95 -16.38
C MET B 300 11.23 4.51 -15.87
N LEU B 301 10.48 3.64 -16.54
CA LEU B 301 10.49 2.23 -16.16
C LEU B 301 11.59 1.47 -16.90
N THR B 302 12.80 1.46 -16.36
CA THR B 302 13.91 0.75 -17.00
C THR B 302 14.02 -0.72 -16.63
N LYS B 303 14.85 -1.45 -17.38
CA LYS B 303 15.19 -2.83 -17.01
C LYS B 303 15.83 -2.94 -15.58
N ASN B 304 16.28 -1.83 -15.01
CA ASN B 304 16.86 -1.85 -13.64
C ASN B 304 15.99 -1.14 -12.62
N GLY B 305 14.69 -1.05 -12.88
CA GLY B 305 13.80 -0.42 -11.95
C GLY B 305 13.37 0.95 -12.38
N PRO B 306 12.41 1.50 -11.65
CA PRO B 306 11.92 2.88 -11.78
C PRO B 306 13.02 3.88 -11.44
N LYS B 307 13.15 4.92 -12.25
CA LYS B 307 14.14 5.94 -12.03
C LYS B 307 13.51 7.34 -12.17
N VAL B 308 13.78 8.23 -11.23
CA VAL B 308 13.17 9.56 -11.29
C VAL B 308 13.81 10.41 -12.40
N LEU B 309 12.96 10.89 -13.31
CA LEU B 309 13.41 11.77 -14.37
C LEU B 309 13.42 13.21 -13.90
N GLU B 310 12.40 13.60 -13.16
CA GLU B 310 12.25 14.95 -12.66
C GLU B 310 11.15 14.93 -11.61
N PHE B 311 11.08 15.98 -10.83
CA PHE B 311 9.92 16.16 -10.01
C PHE B 311 9.14 17.37 -10.54
N ASN B 312 7.87 17.43 -10.14
CA ASN B 312 7.12 18.67 -10.23
C ASN B 312 6.26 18.80 -8.97
N CYS B 313 5.65 19.96 -8.77
CA CYS B 313 5.02 20.24 -7.51
C CYS B 313 3.55 20.51 -7.53
N ARG B 314 2.86 19.99 -8.54
CA ARG B 314 1.50 20.36 -8.75
C ARG B 314 0.97 19.38 -9.79
N PHE B 315 -0.34 19.34 -10.02
CA PHE B 315 -0.89 18.50 -11.09
C PHE B 315 -0.38 18.94 -12.46
N GLY B 316 -0.27 18.00 -13.38
CA GLY B 316 0.06 18.31 -14.79
C GLY B 316 -1.21 18.57 -15.58
N ASP B 317 -1.03 19.11 -16.77
CA ASP B 317 -2.12 19.43 -17.64
C ASP B 317 -1.75 18.83 -19.00
N PRO B 318 -2.55 17.90 -19.55
CA PRO B 318 -3.90 17.55 -19.15
C PRO B 318 -4.06 16.31 -18.25
N GLU B 319 -3.03 15.88 -17.56
CA GLU B 319 -3.20 14.74 -16.62
C GLU B 319 -4.22 14.92 -15.48
N CYS B 320 -4.35 16.15 -14.99
CA CYS B 320 -5.30 16.44 -13.93
C CYS B 320 -6.66 15.98 -14.38
N GLN B 321 -6.98 16.35 -15.64
CA GLN B 321 -8.23 16.00 -16.31
C GLN B 321 -8.51 14.50 -16.39
N VAL B 322 -7.51 13.65 -16.13
CA VAL B 322 -7.87 12.22 -16.05
C VAL B 322 -7.61 11.57 -14.69
N ILE B 323 -6.92 12.25 -13.79
CA ILE B 323 -6.73 11.68 -12.45
C ILE B 323 -7.90 12.00 -11.52
N LEU B 324 -8.23 13.27 -11.36
CA LEU B 324 -9.36 13.70 -10.51
C LEU B 324 -10.70 13.01 -10.84
N PRO B 325 -11.05 12.88 -12.12
CA PRO B 325 -12.28 12.08 -12.41
C PRO B 325 -12.28 10.64 -11.84
N LEU B 326 -11.14 10.09 -11.44
CA LEU B 326 -11.14 8.74 -10.83
C LEU B 326 -11.13 8.76 -9.31
N LEU B 327 -11.09 9.96 -8.73
CA LEU B 327 -11.12 10.07 -7.29
C LEU B 327 -12.55 9.89 -6.81
N LYS B 328 -12.81 8.82 -6.06
CA LYS B 328 -14.11 8.60 -5.51
C LYS B 328 -14.37 9.54 -4.32
N SER B 329 -13.33 9.83 -3.56
CA SER B 329 -13.42 10.63 -2.34
C SER B 329 -13.78 12.09 -2.63
N ASP B 330 -14.28 12.75 -1.61
CA ASP B 330 -14.44 14.18 -1.63
C ASP B 330 -13.04 14.85 -1.56
N LEU B 331 -12.65 15.51 -2.66
CA LEU B 331 -11.38 16.25 -2.76
C LEU B 331 -11.30 17.34 -1.69
N TYR B 332 -12.42 17.89 -1.27
CA TYR B 332 -12.34 18.90 -0.24
C TYR B 332 -11.84 18.31 1.11
N GLU B 333 -12.25 17.08 1.40
CA GLU B 333 -11.89 16.45 2.67
C GLU B 333 -10.44 16.03 2.60
N VAL B 334 -10.01 15.60 1.41
CA VAL B 334 -8.64 15.17 1.25
C VAL B 334 -7.72 16.36 1.46
N ILE B 335 -8.07 17.47 0.84
CA ILE B 335 -7.26 18.64 0.90
C ILE B 335 -7.28 19.24 2.30
N GLN B 336 -8.48 19.39 2.90
CA GLN B 336 -8.59 19.95 4.23
C GLN B 336 -7.77 19.12 5.20
N SER B 337 -7.83 17.82 5.08
CA SER B 337 -7.15 16.98 6.04
C SER B 337 -5.63 17.05 5.85
N THR B 338 -5.20 17.25 4.61
CA THR B 338 -3.78 17.37 4.35
C THR B 338 -3.29 18.67 4.94
N LEU B 339 -4.06 19.74 4.73
CA LEU B 339 -3.72 21.02 5.35
C LEU B 339 -3.61 20.95 6.87
N ASP B 340 -4.32 20.03 7.52
CA ASP B 340 -4.25 19.91 9.02
C ASP B 340 -3.20 18.91 9.49
N GLY B 341 -2.46 18.29 8.57
CA GLY B 341 -1.44 17.30 8.96
C GLY B 341 -2.05 15.95 9.32
N LEU B 342 -3.24 15.67 8.78
CA LEU B 342 -4.02 14.48 9.09
C LEU B 342 -4.55 13.82 7.83
N LEU B 343 -3.69 13.75 6.80
CA LEU B 343 -4.06 13.08 5.57
C LEU B 343 -4.42 11.60 5.85
N CYS B 344 -3.78 11.03 6.86
CA CYS B 344 -3.99 9.60 7.16
C CYS B 344 -5.43 9.34 7.60
N THR B 345 -6.12 10.38 8.07
CA THR B 345 -7.53 10.20 8.46
C THR B 345 -8.51 10.35 7.31
N SER B 346 -8.02 10.71 6.14
CA SER B 346 -8.90 10.82 4.99
C SER B 346 -8.17 10.37 3.71
N LEU B 347 -7.74 9.12 3.65
CA LEU B 347 -6.97 8.65 2.52
C LEU B 347 -7.88 8.53 1.29
N PRO B 348 -7.36 8.83 0.12
CA PRO B 348 -8.18 8.81 -1.10
C PRO B 348 -8.51 7.39 -1.58
N VAL B 349 -9.74 7.24 -2.04
CA VAL B 349 -10.28 6.01 -2.56
C VAL B 349 -10.47 6.28 -4.05
N TRP B 350 -10.09 5.31 -4.88
CA TRP B 350 -10.09 5.49 -6.32
C TRP B 350 -11.10 4.56 -6.98
N LEU B 351 -11.61 4.95 -8.15
CA LEU B 351 -12.52 4.08 -8.86
C LEU B 351 -11.75 2.86 -9.33
N GLU B 352 -12.02 1.73 -8.70
CA GLU B 352 -11.53 0.45 -9.12
C GLU B 352 -12.03 0.18 -10.56
N ASN B 353 -11.10 -0.22 -11.43
CA ASN B 353 -11.52 -0.87 -12.66
C ASN B 353 -12.18 0.09 -13.65
N HIS B 354 -11.88 1.37 -13.55
CA HIS B 354 -12.22 2.31 -14.63
C HIS B 354 -10.98 2.98 -15.24
N THR B 355 -11.15 3.53 -16.44
CA THR B 355 -10.10 4.28 -17.13
C THR B 355 -10.64 5.65 -17.54
N ALA B 356 -9.90 6.69 -17.29
CA ALA B 356 -10.27 7.97 -17.84
C ALA B 356 -9.23 8.32 -18.88
N LEU B 357 -9.71 8.91 -19.98
CA LEU B 357 -8.86 9.34 -21.08
C LEU B 357 -9.36 10.68 -21.55
N THR B 358 -8.44 11.58 -21.88
CA THR B 358 -8.83 12.93 -22.25
C THR B 358 -8.07 13.33 -23.51
N VAL B 359 -8.72 14.09 -24.40
CA VAL B 359 -8.12 14.52 -25.65
C VAL B 359 -8.22 16.03 -25.78
N VAL B 360 -7.12 16.71 -26.06
CA VAL B 360 -7.12 18.15 -26.08
C VAL B 360 -7.56 18.61 -27.47
N MET B 361 -8.38 19.66 -27.54
CA MET B 361 -8.65 20.34 -28.82
C MET B 361 -7.86 21.65 -28.81
N ALA B 362 -7.09 21.91 -29.87
CA ALA B 362 -6.29 23.13 -29.93
C ALA B 362 -6.64 23.99 -31.15
N SER B 363 -6.05 25.18 -31.22
CA SER B 363 -6.35 26.15 -32.26
C SER B 363 -5.41 25.94 -33.43
N LYS B 364 -5.90 26.11 -34.66
CA LYS B 364 -5.05 26.01 -35.85
C LYS B 364 -3.76 26.80 -35.66
N GLY B 365 -2.61 26.12 -35.77
CA GLY B 365 -1.31 26.79 -35.64
C GLY B 365 -0.54 26.40 -34.38
N TYR B 366 -1.23 26.02 -33.33
CA TYR B 366 -0.58 25.49 -32.15
C TYR B 366 0.45 24.42 -32.54
N PRO B 367 1.62 24.40 -31.87
CA PRO B 367 2.10 25.28 -30.79
C PRO B 367 2.79 26.56 -31.24
N GLY B 368 2.72 26.90 -32.52
CA GLY B 368 3.17 28.23 -32.99
C GLY B 368 2.05 29.27 -32.92
N ASP B 369 2.16 30.31 -33.72
CA ASP B 369 1.13 31.34 -33.82
C ASP B 369 -0.25 30.76 -34.13
N TYR B 370 -1.25 31.11 -33.31
CA TYR B 370 -2.60 30.58 -33.47
C TYR B 370 -3.70 31.62 -33.67
N THR B 371 -4.85 31.14 -34.12
CA THR B 371 -6.04 31.96 -34.33
C THR B 371 -6.78 32.23 -32.99
N LYS B 372 -7.32 33.44 -32.83
CA LYS B 372 -7.92 33.87 -31.57
C LYS B 372 -9.36 34.35 -31.77
N GLY B 373 -10.23 34.08 -30.80
CA GLY B 373 -11.59 34.62 -30.81
C GLY B 373 -12.61 33.88 -31.63
N VAL B 374 -12.34 32.63 -32.00
CA VAL B 374 -13.28 31.84 -32.80
C VAL B 374 -14.37 31.19 -31.94
N GLU B 375 -15.58 31.17 -32.48
CA GLU B 375 -16.74 30.68 -31.74
C GLU B 375 -16.83 29.17 -31.61
N ILE B 376 -17.11 28.71 -30.39
CA ILE B 376 -17.18 27.30 -30.07
C ILE B 376 -18.61 26.89 -29.72
N THR B 377 -19.08 25.80 -30.32
CA THR B 377 -20.40 25.27 -29.98
C THR B 377 -20.36 23.79 -29.75
N GLY B 378 -21.48 23.24 -29.32
CA GLY B 378 -21.57 21.82 -29.05
C GLY B 378 -21.50 21.43 -27.59
N PHE B 379 -21.26 22.37 -26.68
CA PHE B 379 -21.24 21.99 -25.27
C PHE B 379 -22.49 21.22 -24.84
N PRO B 380 -23.68 21.71 -25.19
CA PRO B 380 -24.86 20.91 -24.82
C PRO B 380 -24.80 19.42 -25.24
N GLU B 381 -24.41 19.14 -26.48
CA GLU B 381 -24.47 17.77 -26.97
C GLU B 381 -23.35 16.89 -26.43
N ALA B 382 -22.22 17.50 -26.09
CA ALA B 382 -21.10 16.79 -25.49
C ALA B 382 -21.50 16.34 -24.09
N GLN B 383 -22.12 17.22 -23.33
CA GLN B 383 -22.64 16.83 -22.03
C GLN B 383 -23.72 15.74 -22.13
N ALA B 384 -24.57 15.81 -23.16
CA ALA B 384 -25.58 14.77 -23.36
C ALA B 384 -24.89 13.41 -23.51
N LEU B 385 -23.72 13.42 -24.15
CA LEU B 385 -23.00 12.16 -24.33
C LEU B 385 -22.37 11.62 -23.04
N GLY B 386 -22.37 12.41 -21.96
CA GLY B 386 -21.84 11.92 -20.69
C GLY B 386 -20.34 12.13 -20.54
N LEU B 387 -19.77 13.01 -21.36
CA LEU B 387 -18.36 13.36 -21.26
C LEU B 387 -18.17 14.57 -20.34
N GLU B 388 -16.95 14.74 -19.80
CA GLU B 388 -16.60 16.00 -19.14
C GLU B 388 -15.85 16.90 -20.09
N VAL B 389 -16.10 18.19 -20.04
CA VAL B 389 -15.41 19.13 -20.91
C VAL B 389 -14.78 20.19 -20.04
N PHE B 390 -13.46 20.11 -19.87
CA PHE B 390 -12.75 21.10 -19.11
C PHE B 390 -12.12 22.13 -20.07
N HIS B 391 -12.40 23.41 -19.80
CA HIS B 391 -11.97 24.50 -20.65
C HIS B 391 -10.56 24.91 -20.27
N ALA B 392 -9.71 25.15 -21.27
CA ALA B 392 -8.38 25.71 -21.00
C ALA B 392 -8.39 27.17 -21.49
N GLY B 393 -8.09 27.39 -22.76
CA GLY B 393 -8.14 28.74 -23.28
C GLY B 393 -9.47 29.02 -23.95
N THR B 394 -10.49 29.35 -23.17
CA THR B 394 -11.74 29.86 -23.68
C THR B 394 -12.06 31.19 -22.99
N ALA B 395 -12.97 31.98 -23.58
CA ALA B 395 -13.49 33.21 -22.92
C ALA B 395 -14.90 33.58 -23.42
N LEU B 396 -15.49 34.61 -22.84
CA LEU B 396 -16.83 35.05 -23.26
C LEU B 396 -16.75 36.31 -24.09
N LYS B 397 -17.42 36.31 -25.24
CA LYS B 397 -17.58 37.54 -26.00
C LYS B 397 -18.98 37.62 -26.59
N ASN B 398 -19.76 38.58 -26.08
CA ASN B 398 -21.16 38.78 -26.50
C ASN B 398 -22.07 37.59 -26.23
N GLY B 399 -21.87 36.92 -25.11
CA GLY B 399 -22.66 35.73 -24.81
C GLY B 399 -22.04 34.46 -25.37
N LYS B 400 -21.33 34.59 -26.49
CA LYS B 400 -20.68 33.45 -27.12
C LYS B 400 -19.36 33.04 -26.44
N VAL B 401 -19.20 31.74 -26.20
CA VAL B 401 -17.92 31.21 -25.78
C VAL B 401 -17.00 31.17 -27.00
N VAL B 402 -15.76 31.63 -26.85
CA VAL B 402 -14.81 31.74 -27.96
C VAL B 402 -13.41 31.30 -27.53
N THR B 403 -12.57 30.92 -28.50
CA THR B 403 -11.21 30.47 -28.20
C THR B 403 -10.34 31.62 -27.68
N HIS B 404 -9.55 31.35 -26.66
CA HIS B 404 -8.65 32.35 -26.13
C HIS B 404 -7.36 31.67 -25.66
N GLY B 405 -6.76 30.86 -26.53
CA GLY B 405 -5.50 30.24 -26.15
C GLY B 405 -5.04 29.15 -27.11
N GLY B 406 -3.82 28.68 -26.89
CA GLY B 406 -3.27 27.60 -27.71
C GLY B 406 -4.09 26.32 -27.64
N ARG B 407 -4.20 25.79 -26.43
CA ARG B 407 -5.06 24.65 -26.13
C ARG B 407 -6.40 25.17 -25.60
N VAL B 408 -7.48 24.71 -26.20
CA VAL B 408 -8.77 25.32 -26.01
C VAL B 408 -9.51 24.60 -24.91
N LEU B 409 -9.63 23.28 -25.03
CA LEU B 409 -10.31 22.46 -24.03
C LEU B 409 -9.90 20.98 -24.12
N ALA B 410 -10.32 20.18 -23.14
CA ALA B 410 -10.04 18.74 -23.11
C ALA B 410 -11.39 18.06 -22.93
N VAL B 411 -11.63 17.02 -23.72
CA VAL B 411 -12.80 16.19 -23.60
C VAL B 411 -12.36 14.90 -22.92
N THR B 412 -12.91 14.62 -21.73
CA THR B 412 -12.63 13.40 -20.96
C THR B 412 -13.75 12.39 -20.95
N ALA B 413 -13.41 11.11 -21.17
CA ALA B 413 -14.37 10.01 -21.04
C ALA B 413 -13.93 9.13 -19.89
N ILE B 414 -14.89 8.62 -19.13
CA ILE B 414 -14.60 7.62 -18.14
C ILE B 414 -15.35 6.35 -18.50
N ARG B 415 -14.62 5.29 -18.81
CA ARG B 415 -15.22 4.05 -19.23
C ARG B 415 -14.55 2.84 -18.56
N GLU B 416 -14.87 1.64 -19.04
CA GLU B 416 -14.34 0.41 -18.45
C GLU B 416 -12.91 0.12 -18.87
N ASN B 417 -12.51 0.57 -20.04
CA ASN B 417 -11.17 0.27 -20.51
C ASN B 417 -10.72 1.36 -21.47
N LEU B 418 -9.43 1.36 -21.79
CA LEU B 418 -8.81 2.35 -22.66
C LEU B 418 -9.55 2.53 -23.97
N ILE B 419 -9.73 1.44 -24.72
CA ILE B 419 -10.35 1.48 -26.04
C ILE B 419 -11.75 2.09 -26.03
N SER B 420 -12.57 1.64 -25.10
CA SER B 420 -13.90 2.20 -24.95
C SER B 420 -13.89 3.71 -24.56
N ALA B 421 -12.88 4.14 -23.81
CA ALA B 421 -12.74 5.53 -23.41
C ALA B 421 -12.34 6.44 -24.58
N LEU B 422 -11.47 5.92 -25.44
CA LEU B 422 -11.08 6.64 -26.64
C LEU B 422 -12.27 6.88 -27.57
N GLU B 423 -13.05 5.86 -27.85
CA GLU B 423 -14.16 6.06 -28.77
C GLU B 423 -15.20 6.98 -28.18
N GLU B 424 -15.54 6.79 -26.92
CA GLU B 424 -16.50 7.70 -26.28
C GLU B 424 -15.98 9.13 -26.32
N ALA B 425 -14.68 9.32 -26.13
CA ALA B 425 -14.10 10.66 -26.22
C ALA B 425 -14.28 11.28 -27.61
N LYS B 426 -14.20 10.44 -28.64
CA LYS B 426 -14.23 10.89 -30.03
C LYS B 426 -15.58 11.42 -30.50
N LYS B 427 -16.65 11.03 -29.80
CA LYS B 427 -17.96 11.58 -30.07
C LYS B 427 -18.04 12.99 -29.51
N GLY B 428 -17.38 13.21 -28.36
CA GLY B 428 -17.31 14.54 -27.76
C GLY B 428 -16.58 15.46 -28.72
N LEU B 429 -15.46 14.96 -29.25
CA LEU B 429 -14.67 15.72 -30.18
C LEU B 429 -15.46 16.12 -31.44
N ALA B 430 -16.36 15.26 -31.90
CA ALA B 430 -17.13 15.56 -33.09
C ALA B 430 -18.25 16.54 -32.79
N ALA B 431 -18.85 16.41 -31.61
CA ALA B 431 -19.94 17.29 -31.20
C ALA B 431 -19.46 18.74 -30.95
N ILE B 432 -18.26 18.91 -30.40
CA ILE B 432 -17.72 20.25 -30.21
C ILE B 432 -17.07 20.77 -31.50
N LYS B 433 -17.44 21.99 -31.90
CA LYS B 433 -16.95 22.57 -33.16
C LYS B 433 -16.33 23.99 -33.00
N PHE B 434 -15.17 24.19 -33.64
CA PHE B 434 -14.63 25.53 -33.87
C PHE B 434 -13.66 25.52 -35.05
N GLU B 435 -13.86 26.46 -35.97
CA GLU B 435 -12.99 26.61 -37.15
C GLU B 435 -11.49 26.48 -36.82
N GLY B 436 -10.86 25.44 -37.37
CA GLY B 436 -9.40 25.22 -37.25
C GLY B 436 -9.00 24.26 -36.15
N ALA B 437 -9.99 23.74 -35.42
CA ALA B 437 -9.72 22.89 -34.26
C ALA B 437 -8.85 21.69 -34.62
N ILE B 438 -7.67 21.58 -34.02
CA ILE B 438 -6.90 20.37 -34.23
C ILE B 438 -6.92 19.49 -33.00
N TYR B 439 -6.89 18.18 -33.24
CA TYR B 439 -6.85 17.17 -32.19
C TYR B 439 -6.41 15.76 -32.66
N ARG B 440 -5.82 15.00 -31.74
CA ARG B 440 -5.32 13.68 -32.07
C ARG B 440 -6.41 12.62 -31.88
N LYS B 441 -6.46 11.65 -32.77
CA LYS B 441 -7.41 10.55 -32.68
C LYS B 441 -6.78 9.24 -32.19
N ASP B 442 -5.59 9.30 -31.60
CA ASP B 442 -4.90 8.07 -31.14
C ASP B 442 -4.38 8.14 -29.70
N ILE B 443 -4.85 9.11 -28.92
CA ILE B 443 -4.46 9.16 -27.54
C ILE B 443 -4.63 7.77 -26.91
N GLY B 444 -3.56 7.24 -26.34
CA GLY B 444 -3.62 5.98 -25.62
C GLY B 444 -3.09 4.79 -26.39
N PHE B 445 -2.63 5.03 -27.62
CA PHE B 445 -2.33 3.94 -28.53
C PHE B 445 -1.25 2.99 -28.02
N ARG B 446 -0.31 3.52 -27.25
CA ARG B 446 0.79 2.70 -26.73
C ARG B 446 0.34 1.79 -25.58
N ALA B 447 -0.52 2.31 -24.72
CA ALA B 447 -1.13 1.49 -23.67
C ALA B 447 -2.05 0.44 -24.27
N ILE B 448 -2.82 0.83 -25.27
CA ILE B 448 -3.59 -0.17 -26.02
C ILE B 448 -2.69 -1.22 -26.68
N ALA B 449 -1.58 -0.79 -27.28
CA ALA B 449 -0.62 -1.76 -27.84
C ALA B 449 0.05 -2.61 -26.76
N PHE B 450 0.30 -2.03 -25.59
CA PHE B 450 0.92 -2.77 -24.48
C PHE B 450 0.13 -4.02 -24.09
N LEU B 451 -1.19 -3.90 -23.98
CA LEU B 451 -2.03 -4.98 -23.47
C LEU B 451 -2.40 -5.99 -24.54
N GLN B 452 -1.40 -6.48 -25.27
CA GLN B 452 -1.61 -7.42 -26.37
C GLN B 452 -2.79 -6.96 -27.25
#